data_3ARE
#
_entry.id   3ARE
#
_cell.length_a   58.584
_cell.length_b   86.259
_cell.length_c   236.099
_cell.angle_alpha   90.00
_cell.angle_beta   90.00
_cell.angle_gamma   90.00
#
_symmetry.space_group_name_H-M   'P 21 21 21'
#
loop_
_entity.id
_entity.type
_entity.pdbx_description
1 polymer 'Antigen-presenting glycoprotein CD1d1'
2 polymer Beta-2-microglobulin
3 polymer 'NKT Valpha14-Jalpha18,NKT Valpha14-Jalpha18'
4 polymer Vbeta8.2,Vbeta8.2
5 branched 2-acetamido-2-deoxy-beta-D-glucopyranose-(1-4)-2-acetamido-2-deoxy-beta-D-glucopyranose
6 non-polymer 2-acetamido-2-deoxy-beta-D-glucopyranose
7 non-polymer N-{(2S,3R)-1-[(4-deoxy-alpha-D-xylo-hexopyranosyl)oxy]-3-hydroxyoctadecan-2-yl}hexacosanamide
8 non-polymer DI(HYDROXYETHYL)ETHER
9 water water
#
loop_
_entity_poly.entity_id
_entity_poly.type
_entity_poly.pdbx_seq_one_letter_code
_entity_poly.pdbx_strand_id
1 'polypeptide(L)'
;SEAQQKNYTFRCLQMSSFANRSWSRTDSVVWLGDLQTHRWSNDSATISFTKPWSQGKLSNQQWEKLQHMFQVYRVSFTRD
IQELVKMMSPKEDYPIEIQLSAGCEMYPGNASESFLHVAFQGKYVVRFWGTSWQTVPGAPSWLDLPIKVLNADQGTSATV
QMLLNDTCPLFVRGLLEAGKSDLEKQEKPVAWLSSVPSSAHGHRQLVCHVSGFYPKPVWVMWMRGDQEQQGTHRGDFLPN
ADETWYLQATLDVEAGEEAGLACRVKHSSLGGQDIILYWGSLHHILDAQKMVWNHRHHHHHH
;
A
2 'polypeptide(L)'
;IQKTPQIQVYSRHPPENGKPNILNCYVTQFHPPHIEIQMLKNGKKIPKVEMSDMSFSKDWSFYILAHTEFTPTETDTYAC
RVKHASMAEPKTVYWDRDM
;
B
3 'polypeptide(L)'
;TQVEQSPQSLVVRQGENSVLQCNYSVTPDNHLRWFKQDTGKGLVSLTVLVDQKDKTSNGRYSATLDKDAKHSTLHITATL
LDDTATYICVVGDRGSALGRLHFGAGTQLIVIPDIQNPDPAVYQLRDSKSSDKSVCLFTDFDSQTNVSQSKDSDVYITDK
CVLDMRSMDFKSNSAVAWSNKSDFACANAFNNSIIPEDTFFPSPESS
;
C
4 'polypeptide(L)'
;EAAVTQSPRNKVAVTGGKVTLSCNQTNNHNNMYWYRQDTGHGLRLIHYSYGAGSTEKGDIPDGYKASRPSQENFSLILEL
ATPSQTSVYFCASGDAGGNYAEQFFGPGTRLTVLEDLKNVFPPEVAVFEPSEAEISHTQKATLVCLATGFYPDHVELSWW
VNGKEVHSGVCTDPQPLKEQPALNDSRYALSSRLRVSATFWQNPRNHFRCQVQFYGLSENDEWTQDRAKPVTQIVSAEAW
GRAD
;
D
#
# COMPACT_ATOMS: atom_id res chain seq x y z
N ASN A 7 -41.67 6.43 -6.21
CA ASN A 7 -40.28 6.96 -6.08
C ASN A 7 -39.52 6.28 -4.94
N TYR A 8 -38.68 5.31 -5.29
CA TYR A 8 -37.88 4.57 -4.31
C TYR A 8 -36.41 5.01 -4.32
N THR A 9 -35.90 5.33 -3.15
CA THR A 9 -34.52 5.81 -3.00
C THR A 9 -33.63 4.79 -2.32
N PHE A 10 -32.63 4.33 -3.07
CA PHE A 10 -31.68 3.31 -2.61
C PHE A 10 -30.36 3.98 -2.24
N ARG A 11 -29.84 3.65 -1.06
CA ARG A 11 -28.62 4.29 -0.57
C ARG A 11 -27.67 3.36 0.17
N CYS A 12 -26.38 3.48 -0.17
CA CYS A 12 -25.32 2.76 0.52
C CYS A 12 -24.56 3.73 1.42
N LEU A 13 -24.58 3.44 2.72
CA LEU A 13 -24.01 4.36 3.71
C LEU A 13 -22.74 3.79 4.35
N GLN A 14 -21.64 4.50 4.11
CA GLN A 14 -20.34 4.10 4.65
C GLN A 14 -19.92 5.04 5.77
N MET A 15 -19.46 4.45 6.87
CA MET A 15 -19.04 5.17 8.05
C MET A 15 -17.62 4.78 8.42
N SER A 16 -16.67 5.65 8.11
CA SER A 16 -15.26 5.39 8.38
C SER A 16 -14.70 6.34 9.44
N SER A 17 -14.12 5.76 10.48
CA SER A 17 -13.53 6.50 11.60
C SER A 17 -12.02 6.32 11.67
N PHE A 18 -11.30 7.40 11.94
CA PHE A 18 -9.85 7.37 12.10
C PHE A 18 -9.47 8.05 13.40
N ALA A 19 -9.03 7.25 14.38
CA ALA A 19 -8.65 7.78 15.68
C ALA A 19 -7.25 8.38 15.63
N ASN A 20 -6.34 7.69 14.93
CA ASN A 20 -4.94 8.10 14.81
C ASN A 20 -4.29 7.45 13.59
N ARG A 21 -2.96 7.38 13.59
CA ARG A 21 -2.21 6.78 12.50
C ARG A 21 -2.36 5.25 12.46
N SER A 22 -2.65 4.65 13.62
CA SER A 22 -2.69 3.19 13.74
C SER A 22 -4.07 2.59 14.01
N TRP A 23 -5.12 3.42 14.01
CA TRP A 23 -6.47 2.94 14.32
C TRP A 23 -7.52 3.43 13.32
N SER A 24 -8.34 2.50 12.84
CA SER A 24 -9.43 2.79 11.90
C SER A 24 -10.47 1.68 11.88
N ARG A 25 -11.72 2.07 11.66
CA ARG A 25 -12.81 1.11 11.43
C ARG A 25 -13.79 1.60 10.36
N THR A 26 -14.33 0.66 9.59
CA THR A 26 -15.33 0.98 8.57
C THR A 26 -16.54 0.06 8.66
N ASP A 27 -17.69 0.68 8.94
CA ASP A 27 -18.97 -0.03 9.00
C ASP A 27 -19.88 0.51 7.90
N SER A 28 -20.61 -0.38 7.24
CA SER A 28 -21.52 0.00 6.16
C SER A 28 -22.93 -0.51 6.39
N VAL A 29 -23.92 0.26 5.93
CA VAL A 29 -25.33 -0.14 5.95
C VAL A 29 -26.02 0.26 4.65
N VAL A 30 -26.99 -0.54 4.22
CA VAL A 30 -27.63 -0.36 2.92
C VAL A 30 -29.17 -0.39 3.01
N TRP A 31 -29.80 0.70 2.54
CA TRP A 31 -31.25 0.90 2.62
C TRP A 31 -31.92 1.00 1.24
N LEU A 32 -33.00 0.25 1.06
CA LEU A 32 -33.91 0.46 -0.05
C LEU A 32 -35.20 0.99 0.54
N GLY A 33 -35.58 2.20 0.14
CA GLY A 33 -36.65 2.93 0.81
C GLY A 33 -36.24 3.11 2.26
N ASP A 34 -37.05 2.57 3.17
CA ASP A 34 -36.73 2.55 4.59
C ASP A 34 -36.60 1.10 5.14
N LEU A 35 -36.16 0.20 4.27
CA LEU A 35 -35.86 -1.18 4.67
C LEU A 35 -34.37 -1.45 4.51
N GLN A 36 -33.75 -1.97 5.56
CA GLN A 36 -32.33 -2.31 5.52
C GLN A 36 -32.14 -3.64 4.83
N THR A 37 -31.32 -3.66 3.79
CA THR A 37 -31.07 -4.87 3.01
C THR A 37 -29.70 -5.49 3.29
N HIS A 38 -28.68 -4.65 3.48
CA HIS A 38 -27.32 -5.12 3.74
C HIS A 38 -26.65 -4.40 4.91
N ARG A 39 -25.87 -5.15 5.68
CA ARG A 39 -24.96 -4.58 6.68
C ARG A 39 -23.54 -5.12 6.43
N TRP A 40 -22.54 -4.30 6.73
CA TRP A 40 -21.16 -4.71 6.57
C TRP A 40 -20.27 -4.16 7.69
N SER A 41 -20.09 -4.98 8.72
CA SER A 41 -19.32 -4.60 9.90
C SER A 41 -17.81 -4.67 9.65
N ASN A 42 -17.06 -3.84 10.36
CA ASN A 42 -15.60 -3.86 10.33
C ASN A 42 -15.03 -5.16 10.92
N ASP A 43 -15.89 -5.91 11.61
CA ASP A 43 -15.50 -7.17 12.25
C ASP A 43 -15.69 -8.36 11.29
N SER A 44 -16.11 -8.08 10.06
CA SER A 44 -16.50 -9.12 9.11
C SER A 44 -16.02 -8.83 7.70
N ALA A 45 -15.40 -9.82 7.07
CA ALA A 45 -14.85 -9.68 5.72
C ALA A 45 -15.87 -10.00 4.63
N THR A 46 -17.13 -10.17 5.03
CA THR A 46 -18.21 -10.51 4.12
C THR A 46 -19.40 -9.58 4.34
N ILE A 47 -20.00 -9.10 3.25
CA ILE A 47 -21.23 -8.30 3.33
C ILE A 47 -22.39 -9.22 3.67
N SER A 48 -23.19 -8.82 4.66
CA SER A 48 -24.27 -9.63 5.19
C SER A 48 -25.63 -9.24 4.62
N PHE A 49 -26.45 -10.25 4.32
CA PHE A 49 -27.84 -10.02 3.95
C PHE A 49 -28.69 -9.84 5.21
N THR A 50 -29.53 -8.83 5.21
CA THR A 50 -30.51 -8.65 6.29
C THR A 50 -31.94 -8.92 5.80
N LYS A 51 -32.04 -9.38 4.55
CA LYS A 51 -33.32 -9.82 3.96
C LYS A 51 -33.11 -11.12 3.18
N PRO A 52 -34.13 -11.98 3.12
CA PRO A 52 -34.04 -13.21 2.32
C PRO A 52 -33.90 -12.95 0.81
N TRP A 53 -34.07 -11.69 0.40
CA TRP A 53 -34.05 -11.31 -1.02
C TRP A 53 -33.01 -10.25 -1.36
N SER A 54 -32.02 -10.07 -0.49
CA SER A 54 -31.04 -8.97 -0.62
C SER A 54 -30.08 -9.08 -1.81
N GLN A 55 -29.93 -10.30 -2.34
CA GLN A 55 -29.06 -10.55 -3.49
C GLN A 55 -29.65 -9.99 -4.80
N GLY A 56 -30.91 -9.57 -4.74
CA GLY A 56 -31.60 -8.98 -5.89
C GLY A 56 -31.89 -10.00 -6.97
N LYS A 57 -31.69 -9.59 -8.22
CA LYS A 57 -31.81 -10.51 -9.36
C LYS A 57 -30.43 -10.90 -9.88
N LEU A 58 -29.44 -10.85 -8.98
CA LEU A 58 -28.06 -11.19 -9.32
C LEU A 58 -27.69 -12.58 -8.85
N SER A 59 -27.06 -13.35 -9.74
CA SER A 59 -26.64 -14.73 -9.46
C SER A 59 -25.49 -14.77 -8.46
N ASN A 60 -25.14 -15.97 -8.01
CA ASN A 60 -24.04 -16.15 -7.05
C ASN A 60 -22.73 -15.57 -7.56
N GLN A 61 -22.37 -15.94 -8.78
CA GLN A 61 -21.15 -15.45 -9.44
C GLN A 61 -21.13 -13.92 -9.56
N GLN A 62 -22.30 -13.33 -9.85
CA GLN A 62 -22.42 -11.88 -10.00
C GLN A 62 -22.23 -11.15 -8.67
N TRP A 63 -22.65 -11.80 -7.59
CA TRP A 63 -22.55 -11.22 -6.25
C TRP A 63 -21.14 -11.30 -5.70
N GLU A 64 -20.52 -12.47 -5.81
CA GLU A 64 -19.17 -12.71 -5.28
C GLU A 64 -18.13 -11.78 -5.90
N LYS A 65 -18.26 -11.52 -7.19
CA LYS A 65 -17.38 -10.60 -7.92
C LYS A 65 -17.56 -9.15 -7.44
N LEU A 66 -18.81 -8.78 -7.15
CA LEU A 66 -19.12 -7.45 -6.68
C LEU A 66 -18.74 -7.26 -5.20
N GLN A 67 -18.87 -8.33 -4.42
CA GLN A 67 -18.46 -8.33 -3.02
C GLN A 67 -16.95 -8.19 -2.90
N HIS A 68 -16.22 -8.94 -3.74
CA HIS A 68 -14.77 -8.88 -3.81
C HIS A 68 -14.30 -7.50 -4.27
N MET A 69 -15.05 -6.90 -5.19
CA MET A 69 -14.80 -5.55 -5.67
C MET A 69 -14.77 -4.57 -4.49
N PHE A 70 -15.79 -4.66 -3.63
CA PHE A 70 -15.88 -3.84 -2.42
C PHE A 70 -14.86 -4.26 -1.36
N GLN A 71 -14.62 -5.57 -1.24
CA GLN A 71 -13.62 -6.09 -0.31
C GLN A 71 -12.25 -5.46 -0.54
N VAL A 72 -11.85 -5.34 -1.81
CA VAL A 72 -10.63 -4.65 -2.21
C VAL A 72 -10.71 -3.16 -1.85
N TYR A 73 -11.88 -2.56 -2.05
CA TYR A 73 -12.09 -1.14 -1.79
C TYR A 73 -11.98 -0.72 -0.32
N ARG A 74 -12.50 -1.56 0.58
CA ARG A 74 -12.49 -1.24 2.01
C ARG A 74 -11.06 -1.06 2.55
N VAL A 75 -10.17 -1.98 2.17
CA VAL A 75 -8.77 -1.93 2.60
C VAL A 75 -8.06 -0.73 1.98
N SER A 76 -8.24 -0.58 0.66
CA SER A 76 -7.60 0.48 -0.11
C SER A 76 -7.99 1.87 0.38
N PHE A 77 -9.29 2.09 0.55
CA PHE A 77 -9.84 3.36 1.04
C PHE A 77 -9.15 3.79 2.32
N THR A 78 -9.06 2.88 3.28
CA THR A 78 -8.42 3.14 4.58
C THR A 78 -7.00 3.69 4.40
N ARG A 79 -6.18 2.97 3.65
CA ARG A 79 -4.78 3.36 3.45
C ARG A 79 -4.66 4.62 2.60
N ASP A 80 -5.53 4.77 1.61
CA ASP A 80 -5.53 5.96 0.76
C ASP A 80 -5.77 7.23 1.55
N ILE A 81 -6.73 7.18 2.46
CA ILE A 81 -7.03 8.30 3.35
C ILE A 81 -5.84 8.60 4.26
N GLN A 82 -5.28 7.56 4.86
CA GLN A 82 -4.16 7.71 5.80
C GLN A 82 -2.94 8.35 5.15
N GLU A 83 -2.76 8.08 3.86
CA GLU A 83 -1.67 8.69 3.09
C GLU A 83 -1.98 10.15 2.74
N LEU A 84 -3.26 10.45 2.49
CA LEU A 84 -3.70 11.82 2.24
C LEU A 84 -3.48 12.71 3.47
N VAL A 85 -3.75 12.16 4.66
CA VAL A 85 -3.49 12.85 5.93
C VAL A 85 -2.01 13.22 6.05
N LYS A 86 -1.14 12.26 5.73
CA LYS A 86 0.32 12.48 5.72
C LYS A 86 0.70 13.52 4.69
N MET A 87 -0.02 13.52 3.57
CA MET A 87 0.20 14.46 2.47
C MET A 87 -0.24 15.87 2.87
N MET A 88 -1.19 15.94 3.80
CA MET A 88 -1.68 17.21 4.32
C MET A 88 -1.11 17.52 5.72
N SER A 89 0.05 16.92 6.02
CA SER A 89 0.70 17.10 7.33
C SER A 89 1.89 18.05 7.23
N LYS A 91 -1.69 20.30 8.24
CA LYS A 91 -2.87 21.13 8.04
C LYS A 91 -4.11 20.53 8.71
N GLU A 92 -4.25 19.21 8.65
CA GLU A 92 -5.37 18.50 9.28
C GLU A 92 -4.91 17.30 10.11
N ASP A 93 -5.42 17.22 11.34
CA ASP A 93 -4.98 16.19 12.29
C ASP A 93 -6.11 15.24 12.70
N TYR A 94 -5.72 14.13 13.34
CA TYR A 94 -6.64 13.14 13.88
C TYR A 94 -7.30 13.63 15.18
N PRO A 95 -8.52 13.14 15.50
CA PRO A 95 -9.32 12.11 14.81
C PRO A 95 -10.05 12.64 13.59
N ILE A 96 -10.42 11.73 12.69
CA ILE A 96 -11.08 12.07 11.44
C ILE A 96 -12.27 11.16 11.18
N GLU A 97 -13.42 11.78 10.87
CA GLU A 97 -14.63 11.04 10.51
C GLU A 97 -14.98 11.29 9.06
N ILE A 98 -15.17 10.20 8.31
CA ILE A 98 -15.57 10.26 6.91
C ILE A 98 -16.86 9.46 6.70
N GLN A 99 -17.81 10.07 6.00
CA GLN A 99 -19.08 9.44 5.68
C GLN A 99 -19.28 9.44 4.18
N LEU A 100 -19.86 8.35 3.67
CA LEU A 100 -20.15 8.23 2.25
C LEU A 100 -21.60 7.81 2.04
N SER A 101 -22.29 8.53 1.16
CA SER A 101 -23.66 8.18 0.79
C SER A 101 -23.72 8.04 -0.72
N ALA A 102 -24.13 6.87 -1.19
CA ALA A 102 -24.07 6.54 -2.61
C ALA A 102 -25.20 5.62 -3.03
N GLY A 103 -25.74 5.88 -4.23
CA GLY A 103 -26.84 5.08 -4.76
C GLY A 103 -27.57 5.76 -5.89
N CYS A 104 -28.84 5.41 -6.04
CA CYS A 104 -29.65 5.90 -7.16
C CYS A 104 -31.14 5.90 -6.82
N GLU A 105 -31.86 6.90 -7.34
CA GLU A 105 -33.30 7.03 -7.12
C GLU A 105 -34.07 6.48 -8.32
N MET A 106 -35.19 5.82 -8.06
CA MET A 106 -36.02 5.24 -9.11
C MET A 106 -37.27 6.07 -9.39
N TYR A 107 -37.67 6.13 -10.65
CA TYR A 107 -38.78 6.99 -11.09
C TYR A 107 -39.87 6.21 -11.84
N GLY A 109 -40.39 4.79 -15.60
CA GLY A 109 -39.71 4.11 -16.70
C GLY A 109 -38.33 3.62 -16.34
N ASN A 110 -37.39 3.76 -17.28
CA ASN A 110 -36.01 3.33 -17.08
C ASN A 110 -35.14 4.36 -16.33
N ALA A 111 -35.64 5.61 -16.26
CA ALA A 111 -34.89 6.74 -15.71
C ALA A 111 -34.45 6.56 -14.26
N SER A 112 -33.24 7.03 -13.96
CA SER A 112 -32.69 6.99 -12.61
C SER A 112 -31.54 7.99 -12.45
N GLU A 113 -31.58 8.77 -11.37
CA GLU A 113 -30.52 9.73 -11.07
C GLU A 113 -29.61 9.16 -9.99
N SER A 114 -28.33 8.98 -10.32
CA SER A 114 -27.35 8.43 -9.38
C SER A 114 -26.57 9.54 -8.67
N PHE A 115 -26.08 9.21 -7.47
CA PHE A 115 -25.34 10.16 -6.64
C PHE A 115 -24.24 9.47 -5.84
N LEU A 116 -23.22 10.25 -5.47
CA LEU A 116 -22.21 9.80 -4.52
C LEU A 116 -21.71 11.01 -3.73
N HIS A 117 -22.24 11.18 -2.52
CA HIS A 117 -21.86 12.31 -1.67
C HIS A 117 -20.88 11.90 -0.57
N VAL A 118 -19.94 12.81 -0.27
CA VAL A 118 -18.91 12.57 0.74
C VAL A 118 -18.88 13.73 1.75
N ALA A 119 -18.82 13.39 3.03
CA ALA A 119 -18.72 14.38 4.09
C ALA A 119 -17.45 14.17 4.92
N PHE A 120 -16.81 15.27 5.30
CA PHE A 120 -15.58 15.24 6.10
C PHE A 120 -15.79 15.99 7.41
N GLN A 121 -15.69 15.26 8.52
CA GLN A 121 -15.98 15.78 9.87
C GLN A 121 -17.45 16.17 10.06
N GLY A 122 -18.34 15.53 9.31
CA GLY A 122 -19.78 15.76 9.40
C GLY A 122 -20.33 16.81 8.47
N LYS A 123 -19.46 17.38 7.63
CA LYS A 123 -19.88 18.38 6.66
C LYS A 123 -19.61 17.91 5.23
N TYR A 124 -20.64 17.99 4.40
CA TYR A 124 -20.59 17.62 2.98
C TYR A 124 -19.60 18.50 2.22
N VAL A 125 -18.62 17.87 1.57
CA VAL A 125 -17.54 18.59 0.87
C VAL A 125 -17.18 18.08 -0.53
N VAL A 126 -17.38 16.78 -0.76
CA VAL A 126 -17.00 16.16 -2.03
C VAL A 126 -18.16 15.36 -2.64
N ARG A 127 -18.24 15.37 -3.97
CA ARG A 127 -19.17 14.51 -4.70
C ARG A 127 -18.61 14.07 -6.05
N PHE A 128 -18.98 12.87 -6.48
CA PHE A 128 -18.58 12.37 -7.79
C PHE A 128 -19.60 12.80 -8.84
N TRP A 129 -19.12 13.53 -9.85
CA TRP A 129 -19.99 14.08 -10.88
C TRP A 129 -19.43 13.85 -12.27
N GLY A 130 -20.13 13.01 -13.04
CA GLY A 130 -19.72 12.69 -14.40
C GLY A 130 -18.56 11.73 -14.44
N THR A 131 -17.35 12.28 -14.61
CA THR A 131 -16.14 11.47 -14.81
C THR A 131 -15.07 11.65 -13.72
N SER A 132 -15.36 12.47 -12.71
CA SER A 132 -14.37 12.78 -11.67
C SER A 132 -15.01 13.21 -10.35
N TRP A 133 -14.17 13.28 -9.30
CA TRP A 133 -14.57 13.85 -8.01
C TRP A 133 -14.51 15.37 -8.08
N GLN A 134 -15.46 16.02 -7.42
CA GLN A 134 -15.51 17.48 -7.38
C GLN A 134 -15.74 17.98 -5.95
N THR A 135 -15.26 19.20 -5.67
CA THR A 135 -15.53 19.84 -4.40
C THR A 135 -16.84 20.62 -4.48
N VAL A 136 -17.53 20.71 -3.35
CA VAL A 136 -18.78 21.45 -3.25
C VAL A 136 -18.49 22.96 -3.23
N PRO A 137 -19.40 23.77 -3.82
CA PRO A 137 -19.30 25.23 -3.65
C PRO A 137 -19.27 25.63 -2.17
N GLY A 138 -18.32 26.46 -1.79
CA GLY A 138 -18.11 26.84 -0.39
C GLY A 138 -17.47 25.74 0.44
N ALA A 139 -16.40 25.15 -0.10
CA ALA A 139 -15.68 24.07 0.58
C ALA A 139 -14.26 24.52 0.93
N PRO A 140 -13.63 23.83 1.91
CA PRO A 140 -12.21 24.07 2.24
C PRO A 140 -11.30 23.95 1.02
N SER A 141 -10.40 24.92 0.86
CA SER A 141 -9.51 24.98 -0.30
C SER A 141 -8.40 23.94 -0.27
N TRP A 142 -8.03 23.51 0.93
CA TRP A 142 -6.98 22.48 1.10
C TRP A 142 -7.43 21.12 0.57
N LEU A 143 -8.72 20.98 0.29
CA LEU A 143 -9.27 19.75 -0.27
C LEU A 143 -8.98 19.56 -1.75
N ASP A 144 -8.55 20.65 -2.42
CA ASP A 144 -8.23 20.63 -3.84
C ASP A 144 -7.11 19.65 -4.19
N LEU A 145 -6.03 19.70 -3.40
CA LEU A 145 -4.85 18.85 -3.62
C LEU A 145 -5.15 17.34 -3.56
N PRO A 146 -5.89 16.86 -2.52
CA PRO A 146 -6.33 15.46 -2.52
C PRO A 146 -7.26 15.11 -3.67
N ILE A 147 -8.15 16.04 -4.04
CA ILE A 147 -9.05 15.85 -5.18
C ILE A 147 -8.26 15.74 -6.49
N LYS A 148 -7.23 16.57 -6.63
CA LYS A 148 -6.33 16.53 -7.78
C LYS A 148 -5.60 15.18 -7.86
N VAL A 149 -5.33 14.59 -6.69
CA VAL A 149 -4.66 13.29 -6.61
C VAL A 149 -5.63 12.15 -6.91
N LEU A 150 -6.84 12.21 -6.37
CA LEU A 150 -7.86 11.18 -6.59
C LEU A 150 -8.30 11.05 -8.06
N ASN A 151 -8.25 12.17 -8.78
CA ASN A 151 -8.64 12.21 -10.19
C ASN A 151 -7.61 11.55 -11.12
N ALA A 152 -6.34 11.55 -10.69
CA ALA A 152 -5.27 10.91 -11.43
C ALA A 152 -5.34 9.38 -11.33
N ASP A 153 -6.45 8.88 -10.79
CA ASP A 153 -6.69 7.44 -10.68
C ASP A 153 -7.85 7.05 -11.60
N GLN A 154 -7.52 6.82 -12.86
CA GLN A 154 -8.50 6.49 -13.90
C GLN A 154 -9.30 5.23 -13.59
N GLY A 155 -8.65 4.22 -13.02
CA GLY A 155 -9.28 2.92 -12.73
C GLY A 155 -10.39 3.01 -11.71
N THR A 156 -10.13 3.72 -10.61
CA THR A 156 -11.13 3.97 -9.58
C THR A 156 -12.26 4.83 -10.16
N SER A 157 -11.87 5.87 -10.90
CA SER A 157 -12.83 6.77 -11.53
C SER A 157 -13.70 6.06 -12.58
N ALA A 158 -13.12 5.05 -13.25
CA ALA A 158 -13.88 4.22 -14.19
C ALA A 158 -14.83 3.28 -13.46
N THR A 159 -14.35 2.67 -12.38
CA THR A 159 -15.16 1.76 -11.57
C THR A 159 -16.39 2.47 -11.00
N VAL A 160 -16.18 3.66 -10.43
CA VAL A 160 -17.28 4.45 -9.87
C VAL A 160 -18.33 4.77 -10.95
N GLN A 161 -17.86 5.28 -12.09
CA GLN A 161 -18.74 5.57 -13.23
C GLN A 161 -19.60 4.37 -13.63
N MET A 162 -18.98 3.19 -13.63
CA MET A 162 -19.68 1.94 -13.93
C MET A 162 -20.76 1.64 -12.89
N LEU A 163 -20.38 1.78 -11.62
CA LEU A 163 -21.28 1.48 -10.49
C LEU A 163 -22.47 2.42 -10.42
N LEU A 164 -22.24 3.68 -10.78
CA LEU A 164 -23.29 4.71 -10.75
C LEU A 164 -24.20 4.66 -11.98
N ASN A 165 -23.59 4.60 -13.16
CA ASN A 165 -24.34 4.65 -14.42
C ASN A 165 -25.06 3.33 -14.75
N ASP A 166 -24.38 2.21 -14.52
CA ASP A 166 -24.88 0.90 -14.94
C ASP A 166 -25.34 -0.01 -13.79
N THR A 167 -24.47 -0.25 -12.81
CA THR A 167 -24.72 -1.26 -11.78
C THR A 167 -25.89 -0.93 -10.85
N CYS A 168 -25.91 0.27 -10.28
CA CYS A 168 -26.97 0.70 -9.37
C CYS A 168 -28.38 0.47 -9.94
N PRO A 169 -28.72 1.10 -11.08
CA PRO A 169 -30.08 0.97 -11.60
C PRO A 169 -30.45 -0.46 -12.03
N LEU A 170 -29.48 -1.22 -12.52
CA LEU A 170 -29.72 -2.60 -12.95
C LEU A 170 -29.89 -3.55 -11.75
N PHE A 171 -29.22 -3.22 -10.65
CA PHE A 171 -29.33 -3.98 -9.42
C PHE A 171 -30.60 -3.64 -8.64
N VAL A 172 -30.87 -2.33 -8.50
CA VAL A 172 -32.04 -1.85 -7.74
C VAL A 172 -33.37 -2.25 -8.38
N ARG A 173 -33.41 -2.23 -9.72
CA ARG A 173 -34.57 -2.71 -10.46
C ARG A 173 -34.78 -4.21 -10.19
N GLY A 174 -33.68 -4.89 -9.84
CA GLY A 174 -33.71 -6.29 -9.43
C GLY A 174 -34.26 -6.49 -8.03
N LEU A 175 -33.85 -5.62 -7.11
CA LEU A 175 -34.32 -5.68 -5.72
C LEU A 175 -35.81 -5.38 -5.59
N LEU A 176 -36.27 -4.34 -6.29
CA LEU A 176 -37.66 -3.89 -6.23
C LEU A 176 -38.65 -4.99 -6.60
N GLU A 177 -38.25 -5.87 -7.52
CA GLU A 177 -39.06 -7.02 -7.89
C GLU A 177 -38.82 -8.18 -6.93
N ALA A 178 -37.57 -8.34 -6.48
CA ALA A 178 -37.19 -9.41 -5.56
C ALA A 178 -37.90 -9.29 -4.21
N GLY A 179 -38.08 -8.05 -3.75
CA GLY A 179 -38.76 -7.78 -2.49
C GLY A 179 -40.05 -7.00 -2.66
N LYS A 180 -40.84 -7.39 -3.66
CA LYS A 180 -42.15 -6.79 -3.90
C LYS A 180 -43.14 -7.21 -2.83
N SER A 181 -42.91 -8.40 -2.26
CA SER A 181 -43.78 -8.96 -1.24
C SER A 181 -43.67 -8.22 0.09
N ASP A 182 -42.45 -7.92 0.51
CA ASP A 182 -42.19 -7.18 1.75
C ASP A 182 -42.47 -5.69 1.64
N LEU A 183 -42.33 -5.14 0.42
CA LEU A 183 -42.59 -3.72 0.19
C LEU A 183 -44.09 -3.39 0.17
N GLU A 184 -44.89 -4.32 -0.35
CA GLU A 184 -46.34 -4.15 -0.44
C GLU A 184 -47.07 -4.63 0.82
N LYS A 185 -46.31 -5.15 1.78
CA LYS A 185 -46.86 -5.64 3.05
C LYS A 185 -47.58 -4.53 3.81
N GLN A 186 -48.71 -4.88 4.42
CA GLN A 186 -49.51 -3.92 5.17
C GLN A 186 -49.63 -4.32 6.65
N GLU A 187 -49.33 -3.39 7.54
CA GLU A 187 -49.43 -3.63 8.98
C GLU A 187 -50.34 -2.59 9.64
N LYS A 188 -51.28 -3.08 10.44
CA LYS A 188 -52.26 -2.21 11.08
C LYS A 188 -51.68 -1.45 12.27
N PRO A 189 -51.92 -0.12 12.33
CA PRO A 189 -51.52 0.66 13.48
C PRO A 189 -52.40 0.40 14.69
N VAL A 190 -51.87 0.65 15.88
CA VAL A 190 -52.64 0.58 17.12
C VAL A 190 -52.43 1.91 17.84
N ALA A 191 -53.52 2.43 18.41
CA ALA A 191 -53.47 3.71 19.07
C ALA A 191 -53.94 3.63 20.51
N TRP A 192 -53.38 4.51 21.35
CA TRP A 192 -53.80 4.68 22.73
C TRP A 192 -53.57 6.11 23.15
N LEU A 193 -54.41 6.61 24.06
CA LEU A 193 -54.39 8.02 24.45
C LEU A 193 -53.65 8.27 25.76
N SER A 194 -53.24 9.51 25.95
CA SER A 194 -52.48 9.91 27.13
C SER A 194 -52.55 11.42 27.32
N SER A 195 -52.19 11.88 28.52
CA SER A 195 -52.05 13.32 28.76
C SER A 195 -50.91 13.64 29.72
N VAL A 196 -50.43 14.87 29.60
CA VAL A 196 -49.27 15.36 30.33
C VAL A 196 -49.47 16.85 30.57
N PRO A 197 -48.90 17.39 31.67
CA PRO A 197 -49.07 18.83 31.88
C PRO A 197 -48.36 19.64 30.79
N SER A 198 -49.07 20.61 30.21
CA SER A 198 -48.45 21.54 29.27
C SER A 198 -47.43 22.42 29.99
N SER A 199 -46.48 22.95 29.23
CA SER A 199 -45.49 23.87 29.79
C SER A 199 -46.13 25.20 30.20
N ALA A 200 -47.37 25.42 29.74
CA ALA A 200 -48.17 26.59 30.11
C ALA A 200 -49.08 26.31 31.31
N HIS A 201 -49.25 27.31 32.16
CA HIS A 201 -50.10 27.20 33.34
C HIS A 201 -51.57 26.96 32.99
N GLY A 202 -52.15 25.95 33.62
CA GLY A 202 -53.57 25.64 33.47
C GLY A 202 -53.87 24.84 32.21
N HIS A 203 -52.83 24.50 31.48
CA HIS A 203 -52.97 23.77 30.22
C HIS A 203 -52.59 22.29 30.35
N ARG A 204 -53.03 21.50 29.37
CA ARG A 204 -52.77 20.07 29.33
C ARG A 204 -52.39 19.63 27.91
N GLN A 205 -51.35 18.83 27.80
CA GLN A 205 -50.97 18.27 26.51
C GLN A 205 -51.53 16.87 26.36
N LEU A 206 -52.47 16.69 25.43
CA LEU A 206 -52.99 15.37 25.11
C LEU A 206 -52.06 14.70 24.12
N VAL A 207 -51.94 13.38 24.23
CA VAL A 207 -51.03 12.63 23.37
C VAL A 207 -51.74 11.44 22.75
N CYS A 208 -51.70 11.36 21.43
CA CYS A 208 -52.19 10.19 20.71
C CYS A 208 -51.02 9.33 20.22
N HIS A 209 -50.81 8.19 20.87
CA HIS A 209 -49.77 7.26 20.46
C HIS A 209 -50.27 6.37 19.32
N VAL A 210 -49.46 6.22 18.27
CA VAL A 210 -49.80 5.39 17.11
C VAL A 210 -48.60 4.52 16.75
N SER A 211 -48.67 3.23 17.04
CA SER A 211 -47.53 2.34 16.89
C SER A 211 -47.83 1.06 16.13
N GLY A 212 -46.85 0.61 15.33
CA GLY A 212 -46.92 -0.68 14.65
C GLY A 212 -47.30 -0.64 13.17
N PHE A 213 -47.53 0.56 12.65
CA PHE A 213 -47.97 0.68 11.26
C PHE A 213 -46.83 0.57 10.26
N TYR A 214 -47.10 -0.16 9.18
CA TYR A 214 -46.26 -0.22 8.00
C TYR A 214 -47.18 -0.27 6.77
N PRO A 215 -46.84 0.48 5.69
CA PRO A 215 -45.67 1.33 5.44
C PRO A 215 -45.68 2.65 6.22
N LYS A 216 -44.79 3.56 5.86
CA LYS A 216 -44.59 4.79 6.62
C LYS A 216 -45.73 5.82 6.51
N PRO A 217 -46.14 6.22 5.29
CA PRO A 217 -47.19 7.26 5.21
C PRO A 217 -48.39 6.98 6.12
N VAL A 218 -48.74 7.97 6.94
CA VAL A 218 -49.83 7.85 7.90
C VAL A 218 -50.45 9.22 8.20
N TRP A 219 -51.72 9.22 8.58
CA TRP A 219 -52.46 10.45 8.87
C TRP A 219 -53.04 10.35 10.28
N VAL A 220 -52.66 11.31 11.13
CA VAL A 220 -53.09 11.32 12.53
C VAL A 220 -53.52 12.73 12.95
N MET A 221 -54.79 12.91 13.32
CA MET A 221 -55.31 14.22 13.69
C MET A 221 -56.30 14.18 14.85
N TRP A 222 -56.30 15.26 15.62
CA TRP A 222 -57.29 15.46 16.68
C TRP A 222 -58.51 16.15 16.11
N MET A 223 -59.69 15.65 16.48
CA MET A 223 -60.95 16.05 15.85
C MET A 223 -61.98 16.42 16.89
N ARG A 224 -62.66 17.55 16.67
CA ARG A 224 -63.95 17.80 17.29
C ARG A 224 -65.05 17.63 16.26
N GLY A 225 -65.51 16.39 16.10
CA GLY A 225 -66.53 16.07 15.12
C GLY A 225 -65.99 16.18 13.72
N ASP A 226 -66.47 17.16 12.96
CA ASP A 226 -66.05 17.31 11.57
C ASP A 226 -64.89 18.27 11.35
N GLN A 227 -64.36 18.83 12.44
CA GLN A 227 -63.28 19.81 12.36
CA GLN A 227 -63.28 19.82 12.36
C GLN A 227 -61.97 19.31 12.97
N GLU A 228 -60.94 19.23 12.12
CA GLU A 228 -59.60 18.85 12.53
C GLU A 228 -59.03 19.96 13.39
N GLN A 229 -58.54 19.61 14.58
CA GLN A 229 -58.00 20.59 15.52
C GLN A 229 -56.67 21.14 15.01
N GLN A 230 -56.70 22.38 14.54
CA GLN A 230 -55.57 22.99 13.82
C GLN A 230 -54.29 23.07 14.66
N GLY A 231 -54.42 22.91 15.97
CA GLY A 231 -53.26 22.89 16.86
C GLY A 231 -52.62 21.51 16.97
N THR A 232 -53.08 20.57 16.13
CA THR A 232 -52.52 19.22 16.10
C THR A 232 -51.10 19.27 15.56
N HIS A 233 -50.15 18.87 16.41
CA HIS A 233 -48.75 18.85 16.05
C HIS A 233 -48.29 17.43 15.82
N ARG A 234 -47.95 17.13 14.55
CA ARG A 234 -47.50 15.81 14.15
C ARG A 234 -46.08 15.60 14.65
N GLY A 235 -45.82 14.42 15.22
CA GLY A 235 -44.50 14.11 15.80
C GLY A 235 -43.49 13.68 14.75
N ASP A 236 -42.38 13.12 15.21
CA ASP A 236 -41.39 12.54 14.29
C ASP A 236 -41.49 11.01 14.30
N PHE A 237 -41.42 10.42 13.10
CA PHE A 237 -41.48 8.96 12.95
C PHE A 237 -40.33 8.28 13.70
N LEU A 238 -40.68 7.52 14.73
CA LEU A 238 -39.69 6.76 15.50
C LEU A 238 -39.77 5.29 15.15
N PRO A 239 -38.62 4.67 14.81
CA PRO A 239 -38.57 3.28 14.37
C PRO A 239 -38.85 2.24 15.46
N ASN A 240 -39.38 1.10 15.03
CA ASN A 240 -39.52 -0.10 15.86
C ASN A 240 -38.63 -1.20 15.30
N ALA A 241 -38.26 -2.15 16.17
CA ALA A 241 -37.32 -3.23 15.80
C ALA A 241 -37.81 -4.10 14.64
N ASP A 242 -39.12 -4.28 14.52
CA ASP A 242 -39.70 -5.06 13.43
C ASP A 242 -40.00 -4.20 12.19
N GLU A 243 -39.25 -3.10 12.05
CA GLU A 243 -39.31 -2.22 10.87
C GLU A 243 -40.65 -1.51 10.68
N THR A 244 -41.52 -1.60 11.67
CA THR A 244 -42.76 -0.82 11.71
C THR A 244 -42.45 0.55 12.28
N TRP A 245 -43.46 1.40 12.41
CA TRP A 245 -43.25 2.77 12.84
C TRP A 245 -44.13 3.21 14.00
N TYR A 246 -43.57 4.10 14.81
CA TYR A 246 -44.28 4.74 15.91
C TYR A 246 -44.33 6.24 15.62
N LEU A 247 -45.47 6.84 15.94
CA LEU A 247 -45.67 8.27 15.79
C LEU A 247 -46.69 8.71 16.82
N GLN A 248 -46.51 9.92 17.35
CA GLN A 248 -47.54 10.50 18.19
C GLN A 248 -47.99 11.86 17.68
N ALA A 249 -49.29 12.12 17.77
CA ALA A 249 -49.85 13.44 17.48
C ALA A 249 -50.35 14.04 18.79
N THR A 250 -49.95 15.28 19.05
CA THR A 250 -50.26 15.93 20.32
C THR A 250 -51.11 17.19 20.15
N LEU A 251 -51.96 17.45 21.14
CA LEU A 251 -52.81 18.62 21.13
C LEU A 251 -52.80 19.30 22.49
N ASP A 252 -52.63 20.62 22.48
CA ASP A 252 -52.63 21.41 23.70
C ASP A 252 -54.04 21.95 23.95
N VAL A 253 -54.61 21.55 25.08
CA VAL A 253 -55.95 21.97 25.47
C VAL A 253 -55.93 22.65 26.83
N GLU A 254 -56.85 23.60 27.00
CA GLU A 254 -57.09 24.19 28.30
C GLU A 254 -57.84 23.17 29.14
N ALA A 255 -57.44 23.01 30.41
CA ALA A 255 -58.13 22.10 31.31
C ALA A 255 -59.64 22.26 31.17
N GLY A 256 -60.33 21.13 30.99
CA GLY A 256 -61.78 21.15 30.76
C GLY A 256 -62.19 20.85 29.33
N GLU A 257 -61.37 21.31 28.38
CA GLU A 257 -61.64 21.13 26.94
C GLU A 257 -61.42 19.70 26.42
N GLU A 258 -60.91 18.82 27.27
CA GLU A 258 -60.60 17.44 26.89
C GLU A 258 -61.80 16.72 26.27
N ALA A 259 -62.94 16.78 26.95
CA ALA A 259 -64.15 16.07 26.55
C ALA A 259 -64.61 16.45 25.13
N GLY A 260 -65.08 15.45 24.40
CA GLY A 260 -65.61 15.65 23.05
C GLY A 260 -64.58 15.60 21.92
N LEU A 261 -63.30 15.51 22.29
CA LEU A 261 -62.22 15.38 21.31
C LEU A 261 -61.97 13.93 20.96
N ALA A 262 -61.40 13.71 19.77
CA ALA A 262 -61.07 12.38 19.31
C ALA A 262 -59.78 12.36 18.51
N CYS A 263 -59.06 11.25 18.56
CA CYS A 263 -57.89 11.05 17.72
C CYS A 263 -58.24 10.11 16.56
N ARG A 264 -58.06 10.60 15.34
CA ARG A 264 -58.41 9.86 14.12
C ARG A 264 -57.16 9.39 13.37
N VAL A 265 -57.14 8.12 12.99
CA VAL A 265 -56.00 7.52 12.30
C VAL A 265 -56.38 6.99 10.92
N LYS A 266 -55.73 7.55 9.89
CA LYS A 266 -55.87 7.05 8.53
C LYS A 266 -54.59 6.36 8.08
N HIS A 267 -54.70 5.08 7.72
CA HIS A 267 -53.58 4.28 7.24
C HIS A 267 -54.05 3.25 6.21
N SER A 268 -53.24 3.07 5.16
CA SER A 268 -53.58 2.21 4.03
C SER A 268 -53.98 0.79 4.42
N SER A 269 -53.42 0.30 5.52
CA SER A 269 -53.69 -1.06 6.00
C SER A 269 -55.11 -1.24 6.55
N LEU A 270 -55.67 -0.15 7.07
CA LEU A 270 -57.02 -0.16 7.63
C LEU A 270 -58.10 -0.30 6.55
N GLY A 271 -57.80 0.22 5.36
CA GLY A 271 -58.65 0.07 4.18
C GLY A 271 -60.03 0.68 4.32
N GLY A 272 -60.07 1.98 4.60
CA GLY A 272 -61.33 2.71 4.71
C GLY A 272 -61.79 2.99 6.13
N GLN A 273 -61.84 1.94 6.95
CA GLN A 273 -62.32 2.07 8.33
C GLN A 273 -61.25 2.58 9.29
N ASP A 274 -61.34 3.88 9.61
CA ASP A 274 -60.37 4.58 10.47
C ASP A 274 -60.43 4.15 11.94
N ILE A 275 -59.41 4.57 12.69
CA ILE A 275 -59.38 4.40 14.13
C ILE A 275 -59.78 5.72 14.78
N ILE A 276 -60.84 5.69 15.58
CA ILE A 276 -61.31 6.90 16.26
C ILE A 276 -61.35 6.72 17.78
N LEU A 277 -60.32 7.24 18.45
CA LEU A 277 -60.23 7.17 19.91
C LEU A 277 -60.77 8.45 20.51
N TYR A 278 -61.90 8.33 21.20
CA TYR A 278 -62.55 9.45 21.88
C TYR A 278 -62.05 9.57 23.31
N TRP A 279 -61.69 10.79 23.69
CA TRP A 279 -61.31 11.10 25.06
C TRP A 279 -62.47 10.86 26.01
N GLY A 280 -62.20 10.19 27.13
CA GLY A 280 -63.19 9.97 28.17
C GLY A 280 -64.09 8.76 27.98
N SER A 281 -63.94 8.06 26.87
CA SER A 281 -64.75 6.88 26.56
C SER A 281 -64.45 5.74 27.54
N LEU A 282 -65.40 4.83 27.70
CA LEU A 282 -65.19 3.66 28.57
C LEU A 282 -63.93 2.88 28.20
N HIS A 283 -63.60 2.88 26.89
CA HIS A 283 -62.38 2.25 26.38
C HIS A 283 -61.14 3.03 26.82
N HIS A 284 -61.16 4.34 26.61
CA HIS A 284 -60.08 5.23 27.09
C HIS A 284 -59.86 5.09 28.60
N ILE A 285 -60.96 5.06 29.36
CA ILE A 285 -60.90 4.87 30.81
C ILE A 285 -60.25 3.52 31.15
N LEU A 286 -60.68 2.46 30.47
CA LEU A 286 -60.14 1.10 30.69
C LEU A 286 -58.67 0.95 30.31
N ASP A 287 -58.25 1.66 29.28
CA ASP A 287 -56.84 1.68 28.89
C ASP A 287 -55.98 2.42 29.92
N ALA A 288 -56.47 3.57 30.40
CA ALA A 288 -55.73 4.41 31.33
C ALA A 288 -55.55 3.76 32.71
N GLN A 289 -56.56 3.01 33.15
CA GLN A 289 -56.49 2.31 34.43
C GLN A 289 -55.42 1.22 34.41
N LYS A 290 -55.19 0.65 33.23
CA LYS A 290 -54.20 -0.41 33.05
C LYS A 290 -52.79 0.15 32.90
N MET A 291 -52.64 1.45 33.18
CA MET A 291 -51.45 2.18 32.78
C MET A 291 -50.86 3.01 33.92
N VAL A 292 -51.61 3.13 35.02
CA VAL A 292 -51.22 3.99 36.16
C VAL A 292 -49.88 3.59 36.79
N TRP A 293 -49.14 4.58 37.26
CA TRP A 293 -47.80 4.39 37.83
C TRP A 293 -47.47 5.49 38.84
N ASN A 294 -46.36 5.36 39.55
CA ASN A 294 -46.01 6.29 40.62
C ASN A 294 -45.41 7.63 40.14
N HIS A 295 -45.23 7.76 38.83
CA HIS A 295 -44.87 9.04 38.19
C HIS A 295 -43.43 9.53 38.42
N ARG A 296 -42.59 8.67 39.01
CA ARG A 296 -41.17 8.91 39.07
C ARG A 296 -40.48 8.14 37.93
N HIS A 297 -39.55 8.77 37.21
CA HIS A 297 -39.22 10.18 37.32
C HIS A 297 -39.76 10.82 36.04
N HIS A 298 -41.00 11.32 36.10
CA HIS A 298 -41.62 11.98 34.96
C HIS A 298 -40.75 13.09 34.39
N HIS A 299 -40.93 13.39 33.11
CA HIS A 299 -40.19 14.45 32.43
C HIS A 299 -40.53 15.84 32.98
N HIS A 300 -39.50 16.66 33.15
CA HIS A 300 -39.61 18.04 33.61
C HIS A 300 -40.42 18.88 32.62
N ILE B 1 -16.52 19.57 14.77
CA ILE B 1 -17.83 19.78 15.44
C ILE B 1 -18.28 18.52 16.18
N GLN B 2 -18.93 18.73 17.32
CA GLN B 2 -19.48 17.64 18.12
C GLN B 2 -20.92 17.95 18.53
N LYS B 3 -21.86 17.20 17.98
CA LYS B 3 -23.27 17.38 18.28
C LYS B 3 -23.74 16.37 19.33
N THR B 4 -24.47 16.88 20.33
CA THR B 4 -24.95 16.09 21.46
C THR B 4 -26.14 15.20 21.09
N PRO B 5 -26.22 13.99 21.68
CA PRO B 5 -27.32 13.06 21.40
C PRO B 5 -28.68 13.48 21.94
N GLN B 6 -29.72 13.26 21.14
CA GLN B 6 -31.11 13.31 21.60
C GLN B 6 -31.56 11.88 21.91
N ILE B 7 -32.28 11.71 23.02
CA ILE B 7 -32.72 10.37 23.45
C ILE B 7 -34.24 10.31 23.58
N GLN B 8 -34.85 9.32 22.94
CA GLN B 8 -36.30 9.14 23.01
C GLN B 8 -36.63 7.73 23.47
N VAL B 9 -37.39 7.61 24.56
CA VAL B 9 -37.73 6.32 25.15
C VAL B 9 -39.23 6.05 25.06
N TYR B 10 -39.58 4.98 24.34
CA TYR B 10 -40.98 4.64 24.05
C TYR B 10 -41.15 3.12 23.98
N SER B 11 -42.41 2.67 23.95
CA SER B 11 -42.72 1.24 23.94
C SER B 11 -43.37 0.82 22.64
N ARG B 12 -43.11 -0.42 22.21
CA ARG B 12 -43.67 -0.93 20.96
C ARG B 12 -45.18 -1.16 21.04
N HIS B 13 -45.66 -1.46 22.24
CA HIS B 13 -47.08 -1.69 22.45
C HIS B 13 -47.61 -0.78 23.57
N PRO B 14 -48.96 -0.66 23.70
CA PRO B 14 -49.52 0.13 24.80
C PRO B 14 -49.08 -0.42 26.16
N PRO B 15 -48.67 0.46 27.08
CA PRO B 15 -48.20 0.02 28.38
C PRO B 15 -49.34 -0.55 29.24
N GLU B 16 -49.46 -1.87 29.24
CA GLU B 16 -50.35 -2.54 30.19
C GLU B 16 -49.50 -3.08 31.33
N ASN B 17 -49.85 -2.71 32.55
CA ASN B 17 -49.11 -3.11 33.74
C ASN B 17 -49.14 -4.62 33.93
N GLY B 18 -47.96 -5.20 34.14
CA GLY B 18 -47.84 -6.66 34.32
C GLY B 18 -47.88 -7.45 33.03
N LYS B 19 -48.06 -6.75 31.90
CA LYS B 19 -48.06 -7.39 30.59
C LYS B 19 -46.72 -7.15 29.88
N PRO B 20 -46.05 -8.22 29.42
CA PRO B 20 -44.75 -8.11 28.75
C PRO B 20 -44.79 -7.24 27.50
N ASN B 21 -43.71 -6.52 27.26
CA ASN B 21 -43.63 -5.51 26.20
C ASN B 21 -42.21 -5.36 25.70
N ILE B 22 -41.97 -4.34 24.89
CA ILE B 22 -40.63 -4.04 24.39
C ILE B 22 -40.37 -2.54 24.54
N LEU B 23 -39.30 -2.19 25.25
CA LEU B 23 -38.93 -0.79 25.42
C LEU B 23 -37.85 -0.39 24.42
N ASN B 24 -38.14 0.67 23.68
CA ASN B 24 -37.22 1.20 22.69
C ASN B 24 -36.47 2.39 23.26
N CYS B 25 -35.19 2.49 22.91
CA CYS B 25 -34.39 3.69 23.16
C CYS B 25 -33.73 4.10 21.86
N TYR B 26 -34.08 5.27 21.37
CA TYR B 26 -33.70 5.73 20.05
C TYR B 26 -32.88 6.99 20.20
N VAL B 27 -31.59 6.86 19.90
CA VAL B 27 -30.62 7.94 20.08
C VAL B 27 -30.31 8.56 18.72
N THR B 28 -30.41 9.88 18.63
CA THR B 28 -30.25 10.58 17.35
C THR B 28 -29.39 11.83 17.45
N GLN B 29 -29.11 12.40 16.28
CA GLN B 29 -28.51 13.74 16.13
C GLN B 29 -27.12 13.90 16.76
N PHE B 30 -26.43 12.78 16.94
CA PHE B 30 -25.10 12.78 17.54
C PHE B 30 -23.98 12.57 16.53
N HIS B 31 -22.80 13.07 16.89
CA HIS B 31 -21.58 12.98 16.08
C HIS B 31 -20.43 13.25 17.04
N PRO B 32 -19.36 12.43 17.01
CA PRO B 32 -19.01 11.30 16.14
C PRO B 32 -19.80 10.03 16.46
N PRO B 33 -19.57 8.94 15.70
CA PRO B 33 -20.37 7.70 15.83
C PRO B 33 -20.15 6.91 17.11
N HIS B 34 -18.93 6.92 17.67
CA HIS B 34 -18.65 6.15 18.88
C HIS B 34 -19.53 6.59 20.03
N ILE B 35 -20.25 5.63 20.60
CA ILE B 35 -21.24 5.89 21.64
C ILE B 35 -21.53 4.63 22.46
N GLU B 36 -21.66 4.81 23.77
CA GLU B 36 -22.06 3.73 24.67
C GLU B 36 -23.48 3.97 25.15
N ILE B 37 -24.35 2.98 24.94
CA ILE B 37 -25.75 3.08 25.31
C ILE B 37 -26.16 1.91 26.21
N GLN B 38 -26.73 2.24 27.37
CA GLN B 38 -27.26 1.26 28.31
C GLN B 38 -28.73 1.52 28.59
N MET B 39 -29.47 0.44 28.84
CA MET B 39 -30.85 0.53 29.30
C MET B 39 -30.91 0.00 30.74
N LEU B 40 -31.55 0.76 31.61
CA LEU B 40 -31.52 0.49 33.04
C LEU B 40 -32.88 0.13 33.59
N LYS B 41 -32.94 -0.93 34.40
CA LYS B 41 -34.11 -1.22 35.20
C LYS B 41 -33.75 -1.06 36.67
N ASN B 42 -34.40 -0.10 37.33
CA ASN B 42 -34.09 0.29 38.71
C ASN B 42 -32.65 0.72 38.92
N GLY B 43 -32.06 1.31 37.88
CA GLY B 43 -30.67 1.77 37.92
C GLY B 43 -29.63 0.71 37.60
N LYS B 44 -30.09 -0.49 37.22
CA LYS B 44 -29.20 -1.59 36.88
C LYS B 44 -29.21 -1.85 35.39
N LYS B 45 -28.02 -2.04 34.81
CA LYS B 45 -27.88 -2.39 33.39
C LYS B 45 -28.65 -3.68 33.11
N ILE B 46 -29.54 -3.62 32.12
CA ILE B 46 -30.36 -4.77 31.74
C ILE B 46 -29.49 -5.81 31.03
N PRO B 47 -29.50 -7.06 31.53
CA PRO B 47 -28.64 -8.17 31.13
C PRO B 47 -28.45 -8.35 29.62
N LYS B 48 -29.55 -8.40 28.86
CA LYS B 48 -29.47 -8.58 27.41
C LYS B 48 -30.22 -7.48 26.66
N VAL B 49 -29.47 -6.60 25.99
CA VAL B 49 -30.03 -5.51 25.19
C VAL B 49 -29.56 -5.68 23.75
N GLU B 50 -30.50 -5.62 22.81
CA GLU B 50 -30.19 -5.71 21.39
C GLU B 50 -30.09 -4.32 20.78
N MET B 51 -29.22 -4.17 19.79
CA MET B 51 -29.06 -2.90 19.10
C MET B 51 -28.98 -3.05 17.59
N SER B 52 -29.68 -2.17 16.88
CA SER B 52 -29.62 -2.13 15.42
C SER B 52 -28.29 -1.54 14.97
N ASP B 53 -28.01 -1.65 13.67
CA ASP B 53 -26.82 -1.06 13.09
C ASP B 53 -26.91 0.45 13.07
N MET B 54 -25.78 1.11 13.28
CA MET B 54 -25.72 2.56 13.25
C MET B 54 -25.83 3.05 11.82
N SER B 55 -26.69 4.05 11.62
CA SER B 55 -26.88 4.69 10.33
C SER B 55 -26.68 6.19 10.52
N PHE B 56 -26.95 6.97 9.48
CA PHE B 56 -27.02 8.43 9.58
C PHE B 56 -28.05 9.01 8.62
N SER B 57 -28.63 10.14 8.99
CA SER B 57 -29.71 10.76 8.22
C SER B 57 -29.17 11.70 7.14
N LYS B 58 -30.06 12.51 6.58
CA LYS B 58 -29.73 13.42 5.48
C LYS B 58 -28.79 14.55 5.88
N ASP B 59 -28.77 14.89 7.17
CA ASP B 59 -27.87 15.94 7.65
C ASP B 59 -26.63 15.37 8.33
N TRP B 60 -26.26 14.16 7.93
CA TRP B 60 -25.01 13.50 8.35
C TRP B 60 -24.90 13.14 9.84
N SER B 61 -25.99 13.29 10.59
CA SER B 61 -25.98 12.96 12.01
C SER B 61 -26.38 11.50 12.26
N PHE B 62 -25.53 10.80 13.00
CA PHE B 62 -25.69 9.37 13.26
C PHE B 62 -26.90 9.08 14.15
N TYR B 63 -27.60 7.98 13.86
CA TYR B 63 -28.67 7.50 14.72
C TYR B 63 -28.62 5.98 14.89
N ILE B 64 -29.02 5.51 16.07
CA ILE B 64 -29.01 4.08 16.38
C ILE B 64 -30.16 3.73 17.33
N LEU B 65 -30.77 2.57 17.10
CA LEU B 65 -31.90 2.12 17.91
C LEU B 65 -31.52 0.97 18.84
N ALA B 66 -31.71 1.20 20.14
CA ALA B 66 -31.53 0.18 21.17
C ALA B 66 -32.90 -0.28 21.64
N HIS B 67 -33.03 -1.55 21.99
CA HIS B 67 -34.32 -2.09 22.43
C HIS B 67 -34.20 -3.36 23.28
N THR B 68 -35.05 -3.48 24.29
CA THR B 68 -35.06 -4.66 25.15
C THR B 68 -36.48 -5.12 25.50
N GLU B 69 -36.61 -6.40 25.86
CA GLU B 69 -37.86 -6.93 26.38
C GLU B 69 -38.01 -6.52 27.85
N PHE B 70 -39.21 -6.04 28.22
CA PHE B 70 -39.46 -5.50 29.56
C PHE B 70 -40.93 -5.60 29.98
N THR B 71 -41.17 -5.53 31.30
CA THR B 71 -42.52 -5.56 31.84
C THR B 71 -42.80 -4.30 32.66
N PRO B 72 -43.71 -3.44 32.18
CA PRO B 72 -44.06 -2.22 32.90
C PRO B 72 -44.89 -2.53 34.14
N THR B 73 -44.58 -1.84 35.22
CA THR B 73 -45.33 -1.95 36.46
C THR B 73 -45.54 -0.55 37.03
N GLU B 74 -46.20 -0.47 38.18
CA GLU B 74 -46.49 0.81 38.80
C GLU B 74 -45.28 1.44 39.48
N THR B 75 -44.28 0.62 39.79
CA THR B 75 -43.16 1.05 40.63
C THR B 75 -41.75 0.81 40.08
N ASP B 76 -41.63 0.00 39.03
CA ASP B 76 -40.32 -0.28 38.41
C ASP B 76 -39.90 0.84 37.46
N THR B 77 -38.74 1.42 37.74
CA THR B 77 -38.22 2.50 36.90
C THR B 77 -37.40 1.94 35.75
N TYR B 78 -37.58 2.52 34.57
CA TYR B 78 -36.80 2.19 33.39
C TYR B 78 -36.17 3.45 32.82
N ALA B 79 -34.94 3.33 32.31
CA ALA B 79 -34.23 4.48 31.74
C ALA B 79 -33.31 4.09 30.58
N CYS B 80 -32.69 5.10 29.98
CA CYS B 80 -31.66 4.91 28.96
C CYS B 80 -30.45 5.80 29.30
N ARG B 81 -29.33 5.17 29.63
CA ARG B 81 -28.09 5.89 29.96
C ARG B 81 -27.16 5.91 28.76
N VAL B 82 -26.64 7.09 28.42
CA VAL B 82 -25.86 7.30 27.20
C VAL B 82 -24.55 8.07 27.43
N LYS B 83 -23.41 7.41 27.14
CA LYS B 83 -22.10 8.04 27.22
C LYS B 83 -21.60 8.45 25.83
N HIS B 84 -21.26 9.73 25.68
CA HIS B 84 -20.80 10.27 24.40
C HIS B 84 -19.81 11.42 24.64
N ALA B 85 -18.84 11.53 23.73
CA ALA B 85 -17.76 12.51 23.84
C ALA B 85 -18.21 13.96 23.98
N SER B 86 -19.37 14.28 23.43
CA SER B 86 -19.92 15.64 23.44
C SER B 86 -20.38 16.09 24.82
N MET B 87 -20.63 15.13 25.70
CA MET B 87 -21.08 15.39 27.08
C MET B 87 -20.03 14.96 28.09
N ALA B 88 -19.80 15.82 29.08
CA ALA B 88 -18.85 15.52 30.17
C ALA B 88 -19.44 14.52 31.16
N GLU B 89 -20.76 14.36 31.11
CA GLU B 89 -21.47 13.42 31.97
C GLU B 89 -22.51 12.66 31.17
N PRO B 90 -22.68 11.35 31.44
CA PRO B 90 -23.69 10.53 30.77
C PRO B 90 -25.10 11.12 30.90
N LYS B 91 -25.94 10.89 29.91
CA LYS B 91 -27.32 11.37 29.94
C LYS B 91 -28.26 10.21 30.23
N THR B 92 -29.06 10.36 31.27
CA THR B 92 -30.05 9.37 31.67
C THR B 92 -31.44 9.97 31.44
N VAL B 93 -32.19 9.38 30.53
CA VAL B 93 -33.57 9.79 30.28
C VAL B 93 -34.51 8.64 30.62
N TYR B 94 -35.34 8.85 31.62
CA TYR B 94 -36.25 7.83 32.13
C TYR B 94 -37.47 7.66 31.22
N TRP B 95 -38.01 6.44 31.21
CA TRP B 95 -39.23 6.15 30.46
C TRP B 95 -40.43 6.81 31.13
N ASP B 96 -41.19 7.58 30.33
CA ASP B 96 -42.36 8.28 30.80
C ASP B 96 -43.51 7.98 29.85
N ARG B 97 -44.25 6.92 30.16
CA ARG B 97 -45.34 6.43 29.32
C ARG B 97 -46.35 7.50 28.93
N ASP B 98 -46.45 8.57 29.73
CA ASP B 98 -47.42 9.63 29.49
C ASP B 98 -46.98 10.62 28.39
N MET B 99 -45.66 10.80 28.25
CA MET B 99 -45.08 11.75 27.29
C MET B 99 -45.38 11.41 25.85
N THR C 1 7.37 -13.05 0.72
CA THR C 1 7.35 -11.82 -0.13
C THR C 1 6.08 -11.79 -0.98
N GLN C 2 5.57 -10.59 -1.23
CA GLN C 2 4.42 -10.39 -2.09
C GLN C 2 4.74 -10.58 -3.58
N VAL C 3 6.03 -10.58 -3.92
CA VAL C 3 6.50 -10.77 -5.30
C VAL C 3 7.68 -11.75 -5.38
N GLU C 4 7.49 -12.86 -6.10
CA GLU C 4 8.55 -13.85 -6.31
C GLU C 4 8.94 -13.95 -7.78
N GLN C 5 10.18 -14.36 -8.02
CA GLN C 5 10.72 -14.48 -9.37
C GLN C 5 11.47 -15.79 -9.58
N SER C 6 11.32 -16.36 -10.77
CA SER C 6 12.05 -17.58 -11.14
C SER C 6 12.59 -17.46 -12.58
N PRO C 7 13.81 -17.99 -12.81
CA PRO C 7 14.65 -18.69 -11.84
C PRO C 7 15.49 -17.72 -11.01
N GLN C 8 16.27 -18.26 -10.07
CA GLN C 8 17.18 -17.44 -9.27
C GLN C 8 18.14 -16.71 -10.21
N SER C 9 18.87 -17.48 -11.01
CA SER C 9 19.72 -16.93 -12.07
C SER C 9 19.62 -17.79 -13.34
N LEU C 10 19.72 -17.13 -14.49
CA LEU C 10 19.59 -17.82 -15.78
C LEU C 10 20.85 -17.69 -16.63
N VAL C 11 21.16 -18.77 -17.35
CA VAL C 11 22.32 -18.83 -18.25
C VAL C 11 21.83 -19.06 -19.67
N VAL C 12 22.24 -18.19 -20.59
CA VAL C 12 21.86 -18.33 -22.01
C VAL C 12 23.05 -18.13 -22.95
N ARG C 13 23.10 -18.94 -24.00
CA ARG C 13 24.11 -18.81 -25.04
C ARG C 13 23.75 -17.64 -25.95
N GLN C 14 24.63 -16.65 -26.00
CA GLN C 14 24.46 -15.45 -26.83
C GLN C 14 23.76 -15.76 -28.16
N GLY C 15 22.64 -15.08 -28.40
CA GLY C 15 21.88 -15.27 -29.64
C GLY C 15 20.63 -16.11 -29.51
N GLU C 16 20.55 -16.90 -28.44
CA GLU C 16 19.35 -17.69 -28.16
C GLU C 16 18.33 -16.88 -27.37
N ASN C 17 17.19 -17.50 -27.08
CA ASN C 17 16.11 -16.83 -26.35
C ASN C 17 16.19 -17.07 -24.84
N SER C 18 15.71 -16.09 -24.08
CA SER C 18 15.72 -16.15 -22.62
C SER C 18 14.34 -15.83 -22.06
N VAL C 19 13.90 -16.66 -21.11
CA VAL C 19 12.56 -16.59 -20.54
C VAL C 19 12.62 -16.35 -19.03
N LEU C 20 12.01 -15.26 -18.57
CA LEU C 20 12.00 -14.91 -17.14
C LEU C 20 10.59 -14.85 -16.57
N GLN C 21 10.40 -15.41 -15.38
CA GLN C 21 9.08 -15.46 -14.74
C GLN C 21 8.94 -14.50 -13.56
N CYS C 22 7.70 -14.08 -13.31
CA CYS C 22 7.34 -13.29 -12.13
C CYS C 22 5.96 -13.69 -11.63
N ASN C 23 5.87 -13.94 -10.32
CA ASN C 23 4.60 -14.31 -9.67
C ASN C 23 4.37 -13.53 -8.38
N TYR C 24 3.19 -12.95 -8.25
CA TYR C 24 2.88 -12.04 -7.15
C TYR C 24 1.55 -12.34 -6.47
N SER C 25 1.29 -11.63 -5.38
CA SER C 25 0.02 -11.69 -4.66
C SER C 25 -0.42 -10.30 -4.19
N VAL C 26 0.19 -9.26 -4.78
CA VAL C 26 -0.11 -7.86 -4.47
C VAL C 26 -1.56 -7.51 -4.81
N THR C 27 -2.28 -7.01 -3.81
CA THR C 27 -3.68 -6.62 -3.98
C THR C 27 -3.89 -5.16 -3.56
N PRO C 28 -4.42 -4.33 -4.47
CA PRO C 28 -4.77 -4.65 -5.85
C PRO C 28 -3.57 -4.59 -6.79
N ASP C 29 -3.70 -5.19 -7.98
CA ASP C 29 -2.60 -5.19 -8.95
C ASP C 29 -2.91 -4.29 -10.14
N ASN C 30 -2.59 -3.01 -9.99
CA ASN C 30 -2.83 -2.00 -11.02
C ASN C 30 -1.93 -2.19 -12.24
N HIS C 31 -0.62 -2.20 -12.01
CA HIS C 31 0.34 -2.36 -13.09
C HIS C 31 1.58 -3.14 -12.68
N LEU C 32 2.30 -3.64 -13.68
CA LEU C 32 3.54 -4.39 -13.48
C LEU C 32 4.63 -3.86 -14.39
N ARG C 33 5.80 -3.61 -13.81
CA ARG C 33 6.93 -3.06 -14.54
C ARG C 33 8.13 -3.99 -14.44
N TRP C 34 8.93 -4.04 -15.51
CA TRP C 34 10.21 -4.72 -15.49
C TRP C 34 11.35 -3.71 -15.53
N PHE C 35 12.33 -3.90 -14.66
CA PHE C 35 13.53 -3.05 -14.63
C PHE C 35 14.77 -3.84 -15.04
N LYS C 36 15.80 -3.10 -15.48
CA LYS C 36 17.10 -3.68 -15.77
C LYS C 36 18.17 -3.00 -14.91
N GLN C 37 19.01 -3.82 -14.29
CA GLN C 37 20.07 -3.30 -13.42
C GLN C 37 21.46 -3.78 -13.83
N ASP C 38 22.17 -2.92 -14.57
CA ASP C 38 23.58 -3.13 -14.88
C ASP C 38 24.33 -3.17 -13.56
N THR C 39 25.27 -4.11 -13.43
CA THR C 39 26.02 -4.28 -12.19
C THR C 39 26.74 -2.99 -11.78
N GLY C 40 26.40 -2.47 -10.61
CA GLY C 40 26.99 -1.25 -10.07
C GLY C 40 26.23 0.03 -10.42
N LYS C 41 25.03 -0.14 -10.98
CA LYS C 41 24.21 1.00 -11.42
C LYS C 41 22.76 0.89 -10.97
N GLY C 42 21.98 1.93 -11.27
CA GLY C 42 20.57 2.00 -10.86
C GLY C 42 19.64 1.12 -11.65
N LEU C 43 18.34 1.32 -11.45
CA LEU C 43 17.30 0.56 -12.14
C LEU C 43 16.74 1.33 -13.32
N VAL C 44 16.87 0.77 -14.51
CA VAL C 44 16.33 1.38 -15.73
C VAL C 44 15.08 0.60 -16.16
N SER C 45 14.00 1.33 -16.44
CA SER C 45 12.73 0.73 -16.81
C SER C 45 12.70 0.22 -18.25
N LEU C 46 12.24 -1.02 -18.42
CA LEU C 46 12.13 -1.64 -19.74
C LEU C 46 10.73 -1.47 -20.32
N THR C 47 9.70 -1.93 -19.59
CA THR C 47 8.31 -1.82 -20.03
C THR C 47 7.29 -1.86 -18.88
N VAL C 48 6.09 -1.34 -19.14
CA VAL C 48 4.99 -1.30 -18.16
C VAL C 48 3.75 -1.97 -18.74
N LEU C 49 2.98 -2.64 -17.89
CA LEU C 49 1.79 -3.39 -18.33
C LEU C 49 0.55 -3.00 -17.52
N VAL C 50 -0.51 -2.59 -18.21
CA VAL C 50 -1.68 -1.98 -17.57
C VAL C 50 -2.93 -2.87 -17.58
N ASP C 51 -3.26 -3.44 -18.74
CA ASP C 51 -4.50 -4.22 -18.91
C ASP C 51 -4.50 -5.56 -18.18
N GLN C 52 -5.70 -6.10 -17.93
CA GLN C 52 -5.89 -7.38 -17.25
C GLN C 52 -5.15 -8.49 -17.99
N LYS C 53 -5.21 -8.45 -19.32
CA LYS C 53 -4.38 -9.27 -20.18
C LYS C 53 -3.67 -8.31 -21.13
N ASP C 54 -2.38 -8.08 -20.87
CA ASP C 54 -1.59 -7.12 -21.63
C ASP C 54 -0.39 -7.80 -22.29
N LYS C 55 -0.16 -7.46 -23.56
CA LYS C 55 0.98 -7.96 -24.32
C LYS C 55 1.77 -6.78 -24.88
N THR C 56 2.91 -6.49 -24.25
CA THR C 56 3.74 -5.35 -24.62
C THR C 56 5.07 -5.75 -25.27
N SER C 57 5.66 -4.82 -26.01
CA SER C 57 6.92 -5.05 -26.73
C SER C 57 7.76 -3.78 -26.82
N ASN C 58 9.07 -3.95 -26.72
CA ASN C 58 10.04 -2.86 -26.84
C ASN C 58 11.43 -3.41 -27.18
N GLY C 59 11.88 -3.16 -28.40
CA GLY C 59 13.17 -3.67 -28.88
C GLY C 59 13.19 -5.17 -28.94
N ARG C 60 14.20 -5.79 -28.34
CA ARG C 60 14.28 -7.24 -28.25
C ARG C 60 13.34 -7.80 -27.19
N TYR C 61 13.00 -6.96 -26.21
CA TYR C 61 12.17 -7.36 -25.07
C TYR C 61 10.69 -7.39 -25.41
N SER C 62 10.02 -8.45 -24.97
CA SER C 62 8.56 -8.56 -25.07
C SER C 62 8.03 -9.20 -23.81
N ALA C 63 6.96 -8.63 -23.25
CA ALA C 63 6.39 -9.11 -22.00
C ALA C 63 4.89 -9.35 -22.08
N THR C 64 4.41 -10.31 -21.29
CA THR C 64 2.98 -10.58 -21.15
C THR C 64 2.54 -10.47 -19.70
N LEU C 65 1.27 -10.12 -19.48
CA LEU C 65 0.69 -10.04 -18.14
C LEU C 65 -0.69 -10.66 -18.09
N ASP C 66 -0.90 -11.53 -17.10
CA ASP C 66 -2.21 -12.09 -16.79
C ASP C 66 -2.54 -11.79 -15.33
N LYS C 67 -3.54 -10.94 -15.10
CA LYS C 67 -3.90 -10.52 -13.75
C LYS C 67 -4.69 -11.57 -12.99
N ASP C 68 -5.53 -12.33 -13.71
CA ASP C 68 -6.32 -13.42 -13.12
C ASP C 68 -5.45 -14.62 -12.76
N ALA C 69 -4.26 -14.70 -13.36
CA ALA C 69 -3.27 -15.72 -13.03
C ALA C 69 -2.19 -15.16 -12.10
N LYS C 70 -2.19 -13.84 -11.92
CA LYS C 70 -1.17 -13.10 -11.16
C LYS C 70 0.25 -13.52 -11.58
N HIS C 71 0.49 -13.45 -12.88
CA HIS C 71 1.72 -13.99 -13.48
C HIS C 71 2.18 -13.17 -14.68
N SER C 72 3.49 -13.08 -14.84
CA SER C 72 4.10 -12.35 -15.96
C SER C 72 5.34 -13.07 -16.49
N THR C 73 5.65 -12.83 -17.77
CA THR C 73 6.80 -13.44 -18.43
C THR C 73 7.54 -12.39 -19.27
N LEU C 74 8.84 -12.25 -19.03
CA LEU C 74 9.69 -11.39 -19.86
C LEU C 74 10.54 -12.21 -20.81
N HIS C 75 10.37 -11.95 -22.11
CA HIS C 75 11.13 -12.61 -23.15
C HIS C 75 12.19 -11.68 -23.72
N ILE C 76 13.37 -12.22 -23.94
CA ILE C 76 14.43 -11.54 -24.69
C ILE C 76 14.72 -12.36 -25.94
N THR C 77 14.40 -11.80 -27.10
CA THR C 77 14.61 -12.50 -28.37
C THR C 77 16.00 -12.19 -28.91
N ALA C 78 16.78 -13.24 -29.13
CA ALA C 78 18.18 -13.14 -29.61
C ALA C 78 19.05 -12.28 -28.68
N THR C 79 19.48 -12.89 -27.58
CA THR C 79 20.18 -12.18 -26.51
C THR C 79 21.58 -11.73 -26.93
N LEU C 80 21.98 -10.56 -26.43
CA LEU C 80 23.33 -10.02 -26.62
C LEU C 80 24.11 -10.19 -25.32
N LEU C 81 25.42 -9.91 -25.37
CA LEU C 81 26.27 -9.97 -24.19
C LEU C 81 25.94 -8.85 -23.21
N ASP C 82 25.73 -7.66 -23.77
CA ASP C 82 25.46 -6.46 -22.97
C ASP C 82 24.11 -6.53 -22.24
N ASP C 83 23.43 -7.67 -22.36
CA ASP C 83 22.16 -7.91 -21.66
C ASP C 83 22.36 -8.55 -20.29
N THR C 84 23.62 -8.83 -19.94
CA THR C 84 23.97 -9.47 -18.66
C THR C 84 23.75 -8.48 -17.51
N ALA C 85 22.67 -8.72 -16.79
CA ALA C 85 22.19 -7.81 -15.74
C ALA C 85 21.15 -8.48 -14.87
N THR C 86 20.77 -7.83 -13.77
CA THR C 86 19.67 -8.31 -12.94
C THR C 86 18.36 -7.71 -13.43
N TYR C 87 17.35 -8.56 -13.56
CA TYR C 87 16.04 -8.15 -14.03
C TYR C 87 15.02 -8.28 -12.92
N ILE C 88 14.40 -7.15 -12.57
CA ILE C 88 13.52 -7.05 -11.42
C ILE C 88 12.07 -6.79 -11.84
N CYS C 89 11.16 -7.56 -11.27
CA CYS C 89 9.73 -7.43 -11.49
C CYS C 89 9.11 -6.58 -10.38
N VAL C 90 8.42 -5.51 -10.77
CA VAL C 90 7.84 -4.55 -9.82
C VAL C 90 6.35 -4.36 -10.06
N VAL C 91 5.58 -4.45 -8.98
CA VAL C 91 4.12 -4.29 -9.04
C VAL C 91 3.68 -3.06 -8.24
N GLY C 92 2.87 -2.20 -8.87
CA GLY C 92 2.29 -1.03 -8.21
C GLY C 92 0.85 -1.30 -7.80
N ASP C 93 0.56 -1.15 -6.52
CA ASP C 93 -0.76 -1.52 -5.97
C ASP C 93 -1.91 -0.59 -6.37
N ARG C 94 -1.60 0.68 -6.60
CA ARG C 94 -2.62 1.65 -7.00
C ARG C 94 -2.13 2.69 -8.02
N GLY C 95 -2.96 2.96 -9.01
CA GLY C 95 -2.62 3.86 -10.11
C GLY C 95 -2.81 5.33 -9.79
N SER C 96 -2.21 5.75 -8.69
CA SER C 96 -2.24 7.15 -8.26
C SER C 96 -0.97 7.43 -7.45
N ALA C 97 -0.77 8.69 -7.09
CA ALA C 97 0.39 9.10 -6.29
C ALA C 97 0.40 8.43 -4.91
N LEU C 98 -0.72 7.80 -4.55
CA LEU C 98 -0.89 7.16 -3.24
C LEU C 98 -0.47 5.68 -3.25
N GLY C 99 -0.14 5.19 -4.44
CA GLY C 99 0.31 3.80 -4.61
C GLY C 99 1.67 3.53 -3.97
N ARG C 100 2.05 2.25 -3.96
CA ARG C 100 3.31 1.82 -3.36
C ARG C 100 3.85 0.63 -4.13
N LEU C 101 5.11 0.72 -4.55
CA LEU C 101 5.71 -0.32 -5.38
C LEU C 101 6.24 -1.50 -4.55
N HIS C 102 5.95 -2.70 -5.04
CA HIS C 102 6.44 -3.95 -4.45
C HIS C 102 7.51 -4.54 -5.35
N PHE C 103 8.65 -4.88 -4.76
CA PHE C 103 9.81 -5.32 -5.53
C PHE C 103 10.07 -6.82 -5.36
N GLY C 104 10.64 -7.43 -6.40
CA GLY C 104 11.07 -8.82 -6.34
C GLY C 104 12.58 -8.93 -6.21
N ALA C 105 13.05 -10.08 -5.75
CA ALA C 105 14.49 -10.33 -5.59
C ALA C 105 15.26 -10.24 -6.92
N GLY C 106 14.54 -10.36 -8.02
CA GLY C 106 15.12 -10.26 -9.36
C GLY C 106 15.79 -11.54 -9.83
N THR C 107 15.97 -11.65 -11.14
CA THR C 107 16.73 -12.75 -11.73
C THR C 107 18.06 -12.20 -12.24
N GLN C 108 19.15 -12.92 -11.94
CA GLN C 108 20.47 -12.56 -12.44
C GLN C 108 20.75 -13.27 -13.77
N LEU C 109 20.60 -12.55 -14.87
CA LEU C 109 20.85 -13.13 -16.20
C LEU C 109 22.32 -13.03 -16.60
N ILE C 110 22.91 -14.17 -16.94
CA ILE C 110 24.30 -14.26 -17.38
C ILE C 110 24.38 -14.82 -18.80
N VAL C 111 24.91 -14.02 -19.73
CA VAL C 111 25.02 -14.41 -21.13
C VAL C 111 26.43 -14.88 -21.48
N ILE C 112 26.56 -16.16 -21.85
CA ILE C 112 27.84 -16.74 -22.25
C ILE C 112 28.09 -16.55 -23.74
N PRO C 113 29.33 -16.23 -24.12
CA PRO C 113 29.64 -15.93 -25.52
C PRO C 113 29.72 -17.18 -26.38
N ASP C 114 29.38 -17.05 -27.66
CA ASP C 114 29.48 -18.16 -28.60
C ASP C 114 30.87 -18.18 -29.22
N ILE C 115 31.74 -19.02 -28.67
CA ILE C 115 33.10 -19.15 -29.17
C ILE C 115 33.14 -20.20 -30.28
N GLN C 116 33.31 -19.71 -31.52
CA GLN C 116 33.32 -20.57 -32.70
C GLN C 116 34.64 -21.33 -32.83
N ASN C 117 35.74 -20.63 -32.62
CA ASN C 117 37.07 -21.24 -32.63
C ASN C 117 37.73 -21.12 -31.26
N PRO C 118 37.59 -22.17 -30.43
CA PRO C 118 38.32 -22.19 -29.16
C PRO C 118 39.81 -22.34 -29.43
N ASP C 119 40.62 -21.76 -28.55
CA ASP C 119 42.07 -21.94 -28.60
C ASP C 119 42.64 -22.06 -27.18
N PRO C 120 42.20 -23.09 -26.43
CA PRO C 120 42.52 -23.19 -25.00
C PRO C 120 44.02 -23.16 -24.71
N ALA C 121 44.42 -22.34 -23.75
CA ALA C 121 45.83 -22.22 -23.36
C ALA C 121 45.99 -21.60 -21.97
N VAL C 122 47.15 -21.87 -21.35
CA VAL C 122 47.49 -21.29 -20.05
C VAL C 122 48.87 -20.65 -20.10
N TYR C 123 48.89 -19.34 -20.30
CA TYR C 123 50.14 -18.61 -20.43
C TYR C 123 50.64 -18.10 -19.08
N GLN C 124 51.96 -17.93 -18.97
CA GLN C 124 52.56 -17.28 -17.80
C GLN C 124 52.96 -15.84 -18.12
N LEU C 125 52.51 -14.91 -17.28
CA LEU C 125 52.79 -13.49 -17.48
C LEU C 125 53.59 -12.95 -16.30
N ARG C 126 54.77 -12.42 -16.59
CA ARG C 126 55.65 -11.90 -15.54
C ARG C 126 55.37 -10.45 -15.17
N ASP C 127 55.53 -10.12 -13.89
CA ASP C 127 55.30 -8.76 -13.37
C ASP C 127 56.22 -7.75 -14.05
N SER C 128 55.64 -6.60 -14.39
CA SER C 128 56.36 -5.51 -15.02
C SER C 128 57.60 -5.11 -14.23
N LYS C 129 57.43 -4.90 -12.93
CA LYS C 129 58.51 -4.43 -12.06
C LYS C 129 59.41 -5.55 -11.53
N SER C 130 58.79 -6.63 -11.04
CA SER C 130 59.52 -7.72 -10.40
C SER C 130 59.40 -9.02 -11.18
N SER C 131 60.43 -9.33 -11.96
CA SER C 131 60.47 -10.57 -12.76
C SER C 131 60.05 -11.82 -11.98
N ASP C 132 60.21 -11.76 -10.66
CA ASP C 132 59.85 -12.86 -9.75
C ASP C 132 58.35 -13.15 -9.72
N LYS C 133 57.54 -12.13 -9.42
CA LYS C 133 56.08 -12.27 -9.39
C LYS C 133 55.52 -12.59 -10.77
N SER C 134 54.61 -13.55 -10.83
CA SER C 134 53.97 -13.94 -12.09
C SER C 134 52.56 -14.50 -11.89
N VAL C 135 51.77 -14.51 -12.95
CA VAL C 135 50.42 -15.07 -12.93
C VAL C 135 50.22 -16.14 -14.00
N CYS C 136 49.11 -16.87 -13.90
CA CYS C 136 48.73 -17.85 -14.91
C CYS C 136 47.42 -17.42 -15.54
N LEU C 137 47.41 -17.35 -16.87
CA LEU C 137 46.21 -16.97 -17.61
C LEU C 137 45.66 -18.17 -18.37
N PHE C 138 44.48 -18.62 -17.96
CA PHE C 138 43.74 -19.66 -18.70
C PHE C 138 42.74 -18.95 -19.60
N THR C 139 42.99 -18.97 -20.90
CA THR C 139 42.22 -18.16 -21.84
C THR C 139 41.90 -18.90 -23.14
N ASP C 140 40.80 -18.47 -23.77
CA ASP C 140 40.36 -18.91 -25.11
C ASP C 140 39.64 -20.25 -25.13
N PHE C 141 39.20 -20.71 -23.96
CA PHE C 141 38.43 -21.94 -23.87
C PHE C 141 36.98 -21.71 -24.28
N ASP C 142 36.29 -22.78 -24.67
CA ASP C 142 34.89 -22.69 -25.08
C ASP C 142 33.99 -22.59 -23.84
N SER C 143 32.85 -21.93 -24.01
CA SER C 143 31.94 -21.61 -22.91
C SER C 143 31.32 -22.83 -22.20
N GLN C 144 31.69 -24.03 -22.64
CA GLN C 144 31.27 -25.27 -21.97
C GLN C 144 32.29 -25.70 -20.90
N THR C 145 33.16 -24.78 -20.51
CA THR C 145 34.20 -25.03 -19.50
C THR C 145 33.92 -24.20 -18.25
N ASN C 146 33.90 -24.86 -17.09
CA ASN C 146 33.73 -24.19 -15.80
C ASN C 146 35.01 -24.14 -14.96
N VAL C 147 35.37 -22.94 -14.51
CA VAL C 147 36.58 -22.73 -13.70
C VAL C 147 36.27 -22.94 -12.22
N SER C 148 37.06 -23.80 -11.58
CA SER C 148 36.90 -24.12 -10.17
C SER C 148 37.94 -23.40 -9.31
N GLN C 149 37.58 -23.13 -8.06
CA GLN C 149 38.50 -22.51 -7.09
C GLN C 149 39.48 -23.56 -6.56
N SER C 150 40.50 -23.09 -5.83
CA SER C 150 41.56 -23.95 -5.32
C SER C 150 41.20 -24.64 -4.00
N LYS C 151 41.62 -25.89 -3.86
CA LYS C 151 41.49 -26.64 -2.62
C LYS C 151 42.62 -26.28 -1.66
N ASP C 152 43.74 -25.81 -2.24
CA ASP C 152 44.87 -25.30 -1.47
C ASP C 152 44.70 -23.81 -1.22
N SER C 153 44.83 -23.41 0.05
CA SER C 153 44.58 -22.03 0.48
C SER C 153 45.57 -21.01 -0.07
N ASP C 154 46.78 -21.47 -0.40
CA ASP C 154 47.84 -20.61 -0.88
C ASP C 154 47.67 -20.23 -2.36
N VAL C 155 46.72 -20.87 -3.03
CA VAL C 155 46.46 -20.66 -4.46
C VAL C 155 45.13 -19.93 -4.65
N TYR C 156 45.18 -18.81 -5.38
CA TYR C 156 43.99 -18.03 -5.67
C TYR C 156 43.65 -18.11 -7.16
N ILE C 157 42.42 -18.54 -7.47
CA ILE C 157 41.94 -18.61 -8.85
C ILE C 157 40.62 -17.82 -9.02
N THR C 158 40.57 -16.96 -10.04
CA THR C 158 39.37 -16.17 -10.32
C THR C 158 38.38 -16.92 -11.23
N ASP C 159 37.13 -16.45 -11.25
CA ASP C 159 36.09 -16.99 -12.14
C ASP C 159 36.32 -16.52 -13.59
N LYS C 160 35.68 -17.19 -14.54
CA LYS C 160 35.79 -16.83 -15.96
C LYS C 160 35.27 -15.43 -16.21
N CYS C 161 35.73 -14.81 -17.29
CA CYS C 161 35.38 -13.41 -17.60
C CYS C 161 35.46 -13.13 -19.10
N VAL C 162 34.33 -12.74 -19.68
CA VAL C 162 34.20 -12.50 -21.12
C VAL C 162 34.74 -11.12 -21.52
N LEU C 163 35.63 -11.09 -22.50
CA LEU C 163 36.12 -9.81 -23.03
C LEU C 163 35.89 -9.70 -24.53
N ASP C 164 35.48 -8.51 -24.96
CA ASP C 164 35.07 -8.27 -26.34
C ASP C 164 36.04 -7.29 -27.02
N MET C 165 36.75 -7.79 -28.02
CA MET C 165 37.61 -6.93 -28.84
C MET C 165 36.77 -6.34 -29.98
N ARG C 166 36.11 -5.23 -29.67
CA ARG C 166 35.09 -4.61 -30.53
C ARG C 166 35.49 -4.45 -31.99
N SER C 167 36.72 -4.01 -32.24
CA SER C 167 37.20 -3.73 -33.60
C SER C 167 37.44 -4.99 -34.44
N MET C 168 37.77 -6.09 -33.77
CA MET C 168 38.04 -7.35 -34.45
C MET C 168 36.89 -8.34 -34.33
N ASP C 169 35.83 -7.94 -33.62
CA ASP C 169 34.67 -8.80 -33.34
C ASP C 169 35.11 -10.14 -32.75
N PHE C 170 35.94 -10.09 -31.71
CA PHE C 170 36.49 -11.29 -31.10
C PHE C 170 36.20 -11.33 -29.59
N LYS C 171 35.55 -12.42 -29.17
CA LYS C 171 35.24 -12.65 -27.77
C LYS C 171 36.14 -13.76 -27.22
N SER C 172 36.46 -13.67 -25.93
CA SER C 172 37.30 -14.68 -25.30
C SER C 172 37.09 -14.79 -23.79
N ASN C 173 37.05 -16.03 -23.29
CA ASN C 173 36.96 -16.31 -21.87
C ASN C 173 38.36 -16.37 -21.26
N SER C 174 38.46 -15.97 -20.00
CA SER C 174 39.75 -15.93 -19.31
C SER C 174 39.61 -16.00 -17.80
N ALA C 175 40.40 -16.89 -17.18
CA ALA C 175 40.54 -16.93 -15.72
C ALA C 175 42.01 -16.75 -15.31
N VAL C 176 42.24 -16.13 -14.16
CA VAL C 176 43.59 -15.89 -13.65
C VAL C 176 43.85 -16.68 -12.37
N ALA C 177 45.05 -17.23 -12.27
CA ALA C 177 45.51 -17.90 -11.04
C ALA C 177 46.93 -17.49 -10.65
N TRP C 178 47.14 -17.24 -9.37
CA TRP C 178 48.46 -16.90 -8.84
C TRP C 178 48.62 -17.46 -7.43
N SER C 179 49.86 -17.82 -7.08
CA SER C 179 50.15 -18.37 -5.76
C SER C 179 51.46 -17.82 -5.21
N ASN C 180 51.46 -17.52 -3.91
CA ASN C 180 52.65 -17.00 -3.22
C ASN C 180 53.81 -17.99 -3.25
N LYS C 181 53.48 -19.28 -3.08
CA LYS C 181 54.47 -20.36 -3.12
C LYS C 181 55.05 -20.51 -4.52
N ASP C 183 56.50 -24.62 -5.47
CA ASP C 183 55.93 -25.78 -6.15
C ASP C 183 54.95 -25.37 -7.26
N PHE C 184 54.46 -24.13 -7.18
CA PHE C 184 53.43 -23.63 -8.11
C PHE C 184 53.95 -23.41 -9.51
N ALA C 185 53.24 -23.99 -10.48
CA ALA C 185 53.57 -23.89 -11.90
C ALA C 185 52.28 -23.84 -12.71
N CYS C 186 52.21 -22.90 -13.66
CA CYS C 186 51.02 -22.66 -14.46
C CYS C 186 50.38 -23.90 -15.07
N ALA C 187 51.21 -24.84 -15.51
CA ALA C 187 50.74 -26.11 -16.09
C ALA C 187 49.79 -26.88 -15.17
N ASN C 188 49.91 -26.68 -13.87
CA ASN C 188 49.03 -27.35 -12.90
C ASN C 188 48.35 -26.40 -11.92
N ALA C 189 47.97 -25.24 -12.44
CA ALA C 189 47.30 -24.20 -11.67
C ALA C 189 45.80 -24.45 -11.62
N PHE C 190 45.25 -24.89 -12.75
CA PHE C 190 43.82 -25.06 -12.91
C PHE C 190 43.43 -26.54 -12.87
N ASN C 191 44.08 -27.28 -11.97
CA ASN C 191 43.90 -28.73 -11.90
C ASN C 191 42.52 -29.19 -11.44
N ASN C 192 41.81 -28.33 -10.72
CA ASN C 192 40.46 -28.65 -10.24
C ASN C 192 39.39 -28.46 -11.31
N SER C 193 39.67 -27.61 -12.29
CA SER C 193 38.79 -27.42 -13.44
C SER C 193 38.96 -28.56 -14.43
N ILE C 194 37.96 -28.76 -15.29
CA ILE C 194 38.07 -29.72 -16.38
C ILE C 194 38.77 -29.03 -17.54
N ILE C 195 39.92 -29.59 -17.92
CA ILE C 195 40.78 -28.99 -18.94
C ILE C 195 40.62 -29.71 -20.28
N PRO C 196 40.38 -28.93 -21.36
CA PRO C 196 40.27 -29.47 -22.72
C PRO C 196 41.47 -30.33 -23.12
N GLU C 197 41.21 -31.39 -23.88
CA GLU C 197 42.24 -32.36 -24.28
C GLU C 197 43.34 -31.77 -25.17
N ASP C 198 43.13 -30.55 -25.66
CA ASP C 198 44.08 -29.91 -26.57
C ASP C 198 44.48 -28.51 -26.12
N THR C 199 44.49 -28.29 -24.81
CA THR C 199 44.92 -27.03 -24.21
C THR C 199 46.41 -26.85 -24.42
N PHE C 200 46.81 -25.65 -24.83
CA PHE C 200 48.21 -25.34 -25.08
C PHE C 200 48.91 -24.98 -23.77
N PHE C 201 49.93 -25.77 -23.42
CA PHE C 201 50.72 -25.56 -22.21
C PHE C 201 52.18 -25.24 -22.53
N PRO C 202 52.49 -23.95 -22.78
CA PRO C 202 53.83 -23.52 -23.19
C PRO C 202 54.84 -23.74 -22.08
N SER C 203 56.03 -24.21 -22.45
CA SER C 203 57.06 -24.55 -21.46
C SER C 203 57.93 -23.34 -21.11
N PRO C 204 57.95 -22.95 -19.82
CA PRO C 204 58.77 -21.83 -19.35
C PRO C 204 60.26 -22.17 -19.35
N ALA D 3 16.99 12.68 -14.61
CA ALA D 3 18.20 12.20 -13.89
C ALA D 3 18.08 12.38 -12.38
N VAL D 4 18.46 11.34 -11.64
CA VAL D 4 18.48 11.38 -10.18
C VAL D 4 19.91 11.24 -9.68
N THR D 5 20.42 12.30 -9.05
CA THR D 5 21.82 12.36 -8.61
C THR D 5 21.97 11.85 -7.18
N GLN D 6 23.05 11.10 -6.94
CA GLN D 6 23.38 10.63 -5.59
C GLN D 6 24.80 10.99 -5.19
N SER D 7 24.98 11.29 -3.90
CA SER D 7 26.28 11.67 -3.34
C SER D 7 26.33 11.24 -1.87
N PRO D 8 27.34 10.44 -1.48
CA PRO D 8 28.40 9.93 -2.34
C PRO D 8 27.97 8.68 -3.10
N ARG D 9 28.90 8.07 -3.82
CA ARG D 9 28.63 6.81 -4.51
C ARG D 9 29.19 5.64 -3.70
N ASN D 10 30.25 5.92 -2.93
CA ASN D 10 30.85 4.94 -2.02
C ASN D 10 31.19 5.58 -0.67
N LYS D 11 31.08 4.80 0.40
CA LYS D 11 31.36 5.29 1.76
C LYS D 11 31.80 4.16 2.71
N VAL D 12 32.83 4.45 3.50
CA VAL D 12 33.29 3.54 4.54
C VAL D 12 33.15 4.24 5.89
N ALA D 13 32.30 3.69 6.76
CA ALA D 13 32.02 4.28 8.06
C ALA D 13 32.29 3.32 9.22
N VAL D 14 32.41 3.87 10.43
CA VAL D 14 32.65 3.08 11.63
C VAL D 14 31.38 3.01 12.50
N THR D 15 31.27 1.95 13.29
CA THR D 15 30.13 1.75 14.19
C THR D 15 29.95 2.95 15.13
N GLY D 16 28.77 3.56 15.05
CA GLY D 16 28.43 4.70 15.90
C GLY D 16 28.81 6.05 15.31
N GLY D 17 29.06 6.11 14.01
CA GLY D 17 29.37 7.36 13.32
C GLY D 17 28.15 7.96 12.66
N LYS D 18 28.29 9.18 12.15
CA LYS D 18 27.19 9.89 11.48
C LYS D 18 27.37 9.88 9.97
N VAL D 19 26.35 9.37 9.26
CA VAL D 19 26.39 9.25 7.80
C VAL D 19 25.15 9.86 7.16
N THR D 20 25.37 10.71 6.16
CA THR D 20 24.30 11.37 5.43
C THR D 20 24.44 11.13 3.93
N LEU D 21 23.41 10.50 3.35
CA LEU D 21 23.37 10.25 1.91
C LEU D 21 22.45 11.25 1.20
N SER D 22 23.06 12.12 0.39
CA SER D 22 22.32 13.20 -0.26
C SER D 22 21.82 12.81 -1.65
N CYS D 23 20.53 13.07 -1.88
CA CYS D 23 19.89 12.81 -3.17
C CYS D 23 19.43 14.12 -3.81
N ASN D 24 19.28 14.09 -5.14
CA ASN D 24 18.89 15.28 -5.90
C ASN D 24 18.21 14.94 -7.22
N GLN D 25 17.20 15.73 -7.59
CA GLN D 25 16.54 15.62 -8.89
C GLN D 25 15.99 16.94 -9.40
N THR D 26 16.28 17.24 -10.67
CA THR D 26 15.77 18.44 -11.33
C THR D 26 14.64 18.07 -12.29
N ASN D 27 13.62 17.42 -11.74
CA ASN D 27 12.49 16.93 -12.52
C ASN D 27 11.17 17.56 -12.06
N ASN D 28 11.25 18.38 -11.01
CA ASN D 28 10.09 18.96 -10.35
C ASN D 28 9.11 17.88 -9.88
N HIS D 29 9.63 16.96 -9.08
CA HIS D 29 8.87 15.82 -8.58
C HIS D 29 8.44 16.02 -7.13
N ASN D 30 7.22 15.61 -6.83
CA ASN D 30 6.68 15.73 -5.48
C ASN D 30 7.18 14.62 -4.57
N ASN D 31 7.18 13.39 -5.07
CA ASN D 31 7.51 12.22 -4.25
C ASN D 31 8.96 11.79 -4.35
N MET D 32 9.49 11.30 -3.24
CA MET D 32 10.84 10.78 -3.15
C MET D 32 10.91 9.62 -2.19
N TYR D 33 11.79 8.66 -2.47
CA TYR D 33 11.89 7.42 -1.70
C TYR D 33 13.34 7.05 -1.43
N TRP D 34 13.57 6.37 -0.31
CA TRP D 34 14.88 5.80 -0.01
C TRP D 34 14.77 4.30 0.16
N TYR D 35 15.48 3.56 -0.68
CA TYR D 35 15.49 2.11 -0.63
C TYR D 35 16.88 1.57 -0.27
N ARG D 36 16.91 0.36 0.28
CA ARG D 36 18.15 -0.38 0.40
C ARG D 36 18.01 -1.76 -0.26
N GLN D 37 19.08 -2.20 -0.94
CA GLN D 37 19.07 -3.46 -1.68
C GLN D 37 20.02 -4.51 -1.10
N ASP D 38 19.47 -5.59 -0.57
CA ASP D 38 20.27 -6.70 -0.03
C ASP D 38 19.88 -8.01 -0.70
N THR D 39 20.86 -8.89 -0.88
CA THR D 39 20.66 -10.17 -1.60
C THR D 39 19.50 -11.00 -1.06
N GLY D 40 18.73 -11.58 -1.97
CA GLY D 40 17.59 -12.43 -1.63
C GLY D 40 16.42 -11.68 -1.04
N HIS D 41 16.33 -10.38 -1.32
CA HIS D 41 15.25 -9.56 -0.78
C HIS D 41 14.47 -8.80 -1.84
N GLY D 42 15.17 -7.99 -2.63
CA GLY D 42 14.50 -6.98 -3.44
C GLY D 42 14.37 -5.70 -2.64
N LEU D 43 14.21 -4.57 -3.33
CA LEU D 43 14.23 -3.26 -2.70
C LEU D 43 13.23 -3.13 -1.55
N ARG D 44 13.69 -2.59 -0.43
CA ARG D 44 12.85 -2.33 0.73
C ARG D 44 12.82 -0.84 1.04
N LEU D 45 11.64 -0.33 1.42
CA LEU D 45 11.44 1.10 1.65
C LEU D 45 11.72 1.51 3.09
N ILE D 46 12.57 2.52 3.25
CA ILE D 46 12.96 3.02 4.57
C ILE D 46 12.21 4.30 4.94
N HIS D 47 12.30 5.31 4.08
CA HIS D 47 11.63 6.59 4.28
C HIS D 47 11.16 7.15 2.94
N TYR D 48 10.10 7.95 2.97
CA TYR D 48 9.59 8.63 1.78
C TYR D 48 9.02 10.00 2.09
N SER D 49 8.75 10.78 1.04
CA SER D 49 8.23 12.15 1.20
C SER D 49 7.24 12.52 0.09
N TYR D 50 6.34 13.43 0.41
CA TYR D 50 5.37 13.94 -0.56
C TYR D 50 5.68 15.38 -0.97
N GLY D 51 6.73 15.95 -0.39
CA GLY D 51 7.13 17.33 -0.69
C GLY D 51 7.89 17.99 0.45
N ALA D 52 8.37 19.20 0.20
CA ALA D 52 9.16 19.97 1.17
C ALA D 52 8.51 20.02 2.56
N GLY D 53 9.33 19.80 3.58
CA GLY D 53 8.86 19.77 4.97
C GLY D 53 8.48 18.38 5.42
N SER D 54 7.55 17.76 4.69
CA SER D 54 7.01 16.45 5.05
C SER D 54 8.02 15.32 4.90
N THR D 55 7.96 14.38 5.83
CA THR D 55 8.81 13.18 5.84
C THR D 55 8.09 12.04 6.57
N GLU D 56 8.07 10.86 5.95
CA GLU D 56 7.28 9.74 6.46
C GLU D 56 8.07 8.43 6.54
N LYS D 57 7.76 7.62 7.55
CA LYS D 57 8.37 6.31 7.74
C LYS D 57 7.90 5.31 6.69
N GLY D 58 8.83 4.52 6.16
CA GLY D 58 8.52 3.45 5.22
C GLY D 58 8.26 2.15 5.96
N ASP D 59 8.85 1.06 5.49
CA ASP D 59 8.67 -0.25 6.11
C ASP D 59 9.76 -0.59 7.13
N ILE D 60 10.96 -0.05 6.93
CA ILE D 60 12.09 -0.37 7.81
C ILE D 60 12.86 0.89 8.28
N PRO D 61 12.18 1.81 9.00
CA PRO D 61 12.82 3.08 9.36
C PRO D 61 13.85 2.99 10.49
N ASP D 62 13.84 1.87 11.22
CA ASP D 62 14.74 1.65 12.36
C ASP D 62 16.22 1.90 12.03
N GLY D 63 16.81 2.85 12.73
CA GLY D 63 18.20 3.24 12.52
C GLY D 63 18.37 4.47 11.66
N TYR D 64 17.38 4.73 10.80
CA TYR D 64 17.47 5.78 9.80
C TYR D 64 16.50 6.94 10.08
N LYS D 65 16.97 8.16 9.84
CA LYS D 65 16.10 9.34 9.80
C LYS D 65 16.16 9.96 8.41
N ALA D 66 15.18 10.79 8.07
CA ALA D 66 15.13 11.44 6.77
C ALA D 66 14.79 12.92 6.85
N SER D 67 15.17 13.67 5.82
CA SER D 67 14.96 15.11 5.76
C SER D 67 14.76 15.61 4.34
N ARG D 68 13.74 16.44 4.14
CA ARG D 68 13.50 17.06 2.85
C ARG D 68 13.23 18.56 3.00
N PRO D 69 14.26 19.40 2.80
CA PRO D 69 14.12 20.86 2.91
C PRO D 69 13.57 21.53 1.66
N SER D 70 13.93 21.00 0.49
CA SER D 70 13.48 21.54 -0.79
C SER D 70 12.93 20.43 -1.69
N GLN D 71 12.41 20.82 -2.84
CA GLN D 71 11.91 19.89 -3.85
C GLN D 71 13.06 19.04 -4.43
N GLU D 72 14.26 19.64 -4.46
CA GLU D 72 15.43 19.01 -5.06
C GLU D 72 16.04 17.92 -4.16
N ASN D 73 16.37 18.30 -2.92
CA ASN D 73 17.13 17.42 -2.02
C ASN D 73 16.29 16.47 -1.17
N PHE D 74 16.87 15.33 -0.82
CA PHE D 74 16.27 14.37 0.10
C PHE D 74 17.37 13.51 0.73
N SER D 75 17.57 13.66 2.03
CA SER D 75 18.67 13.01 2.73
C SER D 75 18.23 11.85 3.60
N LEU D 76 19.10 10.86 3.73
CA LEU D 76 18.93 9.75 4.66
C LEU D 76 20.02 9.83 5.72
N ILE D 77 19.63 10.04 6.98
CA ILE D 77 20.58 10.31 8.06
C ILE D 77 20.71 9.14 9.03
N LEU D 78 21.92 8.60 9.12
CA LEU D 78 22.24 7.53 10.04
C LEU D 78 23.07 8.09 11.20
N GLU D 79 22.38 8.50 12.27
CA GLU D 79 22.99 9.16 13.42
C GLU D 79 24.02 8.28 14.14
N LEU D 80 23.62 7.04 14.45
CA LEU D 80 24.53 6.05 15.01
C LEU D 80 24.55 4.85 14.07
N ALA D 81 25.71 4.60 13.45
CA ALA D 81 25.83 3.60 12.39
C ALA D 81 26.07 2.18 12.91
N THR D 82 25.51 1.20 12.19
CA THR D 82 25.57 -0.20 12.57
C THR D 82 26.16 -1.03 11.43
N PRO D 83 26.92 -2.09 11.74
CA PRO D 83 27.36 -3.04 10.71
C PRO D 83 26.21 -3.66 9.92
N SER D 84 25.00 -3.67 10.50
CA SER D 84 23.81 -4.19 9.82
C SER D 84 23.24 -3.19 8.81
N GLN D 85 23.80 -1.99 8.79
CA GLN D 85 23.39 -0.95 7.84
C GLN D 85 24.32 -0.92 6.63
N THR D 86 25.20 -1.92 6.52
CA THR D 86 25.99 -2.14 5.31
C THR D 86 25.07 -2.65 4.22
N SER D 87 24.91 -1.84 3.17
CA SER D 87 24.03 -2.16 2.03
C SER D 87 24.28 -1.22 0.85
N VAL D 88 23.53 -1.44 -0.23
CA VAL D 88 23.53 -0.51 -1.37
C VAL D 88 22.23 0.31 -1.32
N TYR D 89 22.34 1.63 -1.38
CA TYR D 89 21.19 2.51 -1.18
C TYR D 89 20.75 3.21 -2.47
N PHE D 90 19.45 3.18 -2.74
CA PHE D 90 18.91 3.79 -3.95
C PHE D 90 17.85 4.84 -3.62
N CYS D 91 17.81 5.89 -4.45
CA CYS D 91 16.92 7.03 -4.25
C CYS D 91 16.01 7.22 -5.46
N ALA D 92 14.70 7.12 -5.25
CA ALA D 92 13.72 7.21 -6.33
C ALA D 92 12.87 8.47 -6.27
N SER D 93 12.19 8.77 -7.38
CA SER D 93 11.30 9.93 -7.47
C SER D 93 10.21 9.71 -8.50
N GLY D 94 9.00 10.19 -8.19
CA GLY D 94 7.87 10.10 -9.10
C GLY D 94 6.61 9.56 -8.46
N ASP D 95 5.49 9.76 -9.14
CA ASP D 95 4.20 9.25 -8.67
C ASP D 95 4.09 7.75 -8.97
N ALA D 96 3.95 6.96 -7.91
CA ALA D 96 3.92 5.50 -7.99
C ALA D 96 2.59 4.97 -8.51
N ALA D 101 2.59 8.71 -15.11
CA ALA D 101 3.08 8.13 -13.86
C ALA D 101 4.26 7.19 -14.10
N GLU D 102 5.38 7.48 -13.45
CA GLU D 102 6.61 6.70 -13.58
C GLU D 102 7.59 7.01 -12.44
N GLN D 103 8.10 5.97 -11.78
CA GLN D 103 9.10 6.13 -10.73
C GLN D 103 10.53 5.96 -11.28
N PHE D 104 11.33 7.02 -11.15
CA PHE D 104 12.72 7.03 -11.63
C PHE D 104 13.69 6.79 -10.49
N PHE D 105 14.74 6.03 -10.75
CA PHE D 105 15.67 5.58 -9.70
C PHE D 105 17.08 6.15 -9.83
N GLY D 106 17.78 6.23 -8.70
CA GLY D 106 19.14 6.74 -8.64
C GLY D 106 20.20 5.68 -8.88
N PRO D 107 21.48 6.10 -9.01
CA PRO D 107 22.58 5.21 -9.39
C PRO D 107 23.05 4.30 -8.25
N GLY D 108 22.80 4.71 -7.01
CA GLY D 108 23.09 3.87 -5.85
C GLY D 108 24.31 4.29 -5.03
N THR D 109 24.26 4.00 -3.74
CA THR D 109 25.39 4.27 -2.85
C THR D 109 25.80 3.03 -2.06
N ARG D 110 27.03 2.57 -2.26
CA ARG D 110 27.60 1.47 -1.48
C ARG D 110 28.12 1.98 -0.13
N LEU D 111 27.45 1.56 0.94
CA LEU D 111 27.87 1.88 2.30
C LEU D 111 28.39 0.63 3.02
N THR D 112 29.60 0.72 3.55
CA THR D 112 30.17 -0.33 4.37
C THR D 112 30.46 0.23 5.76
N VAL D 113 29.83 -0.38 6.76
CA VAL D 113 30.04 0.02 8.15
C VAL D 113 30.74 -1.11 8.91
N LEU D 114 31.88 -0.78 9.52
CA LEU D 114 32.76 -1.76 10.14
C LEU D 114 32.91 -1.53 11.65
N GLU D 115 33.16 -2.61 12.38
CA GLU D 115 33.37 -2.54 13.83
C GLU D 115 34.67 -1.81 14.18
N ASP D 116 35.75 -2.16 13.50
CA ASP D 116 37.06 -1.53 13.70
C ASP D 116 37.64 -1.05 12.37
N LEU D 117 38.13 0.19 12.37
CA LEU D 117 38.78 0.76 11.18
C LEU D 117 40.26 0.40 11.06
N LYS D 118 40.74 -0.43 11.99
CA LYS D 118 42.14 -0.87 12.00
C LYS D 118 42.44 -1.86 10.88
N ASN D 119 41.42 -2.59 10.45
CA ASN D 119 41.57 -3.64 9.43
C ASN D 119 41.48 -3.12 7.99
N VAL D 120 41.27 -1.82 7.84
CA VAL D 120 41.14 -1.17 6.52
C VAL D 120 42.50 -1.06 5.82
N PHE D 121 42.57 -1.59 4.59
CA PHE D 121 43.81 -1.60 3.82
C PHE D 121 43.62 -1.16 2.38
N PRO D 122 44.55 -0.31 1.87
CA PRO D 122 44.54 0.07 0.46
C PRO D 122 45.11 -1.05 -0.41
N PRO D 123 44.79 -1.05 -1.72
CA PRO D 123 45.27 -2.13 -2.58
C PRO D 123 46.67 -1.92 -3.14
N GLU D 124 47.48 -2.98 -3.14
CA GLU D 124 48.70 -3.03 -3.93
C GLU D 124 48.33 -3.44 -5.34
N VAL D 125 48.86 -2.74 -6.34
CA VAL D 125 48.49 -2.96 -7.74
C VAL D 125 49.70 -3.41 -8.55
N ALA D 126 49.49 -4.44 -9.38
CA ALA D 126 50.53 -4.95 -10.27
C ALA D 126 50.01 -5.10 -11.70
N VAL D 127 50.91 -4.92 -12.67
CA VAL D 127 50.61 -5.19 -14.07
C VAL D 127 51.51 -6.32 -14.55
N PHE D 128 50.91 -7.31 -15.19
CA PHE D 128 51.65 -8.46 -15.72
C PHE D 128 51.66 -8.41 -17.23
N GLU D 129 52.85 -8.53 -17.82
CA GLU D 129 53.03 -8.35 -19.24
C GLU D 129 52.75 -9.62 -20.03
N PRO D 130 52.29 -9.47 -21.29
CA PRO D 130 51.94 -10.60 -22.17
C PRO D 130 53.05 -11.63 -22.31
N SER D 131 52.67 -12.87 -22.58
CA SER D 131 53.65 -13.92 -22.81
C SER D 131 53.98 -14.01 -24.29
N GLU D 132 55.24 -14.26 -24.59
CA GLU D 132 55.67 -14.42 -25.97
C GLU D 132 54.95 -15.60 -26.64
N ALA D 133 54.59 -16.59 -25.84
CA ALA D 133 53.83 -17.75 -26.32
C ALA D 133 52.47 -17.31 -26.86
N GLU D 134 51.77 -16.45 -26.11
CA GLU D 134 50.51 -15.89 -26.56
C GLU D 134 50.68 -14.99 -27.79
N ILE D 135 51.75 -14.18 -27.78
CA ILE D 135 52.02 -13.25 -28.88
C ILE D 135 52.37 -14.01 -30.17
N SER D 136 53.14 -15.09 -30.05
CA SER D 136 53.51 -15.90 -31.21
C SER D 136 52.33 -16.69 -31.76
N HIS D 137 51.49 -17.21 -30.85
CA HIS D 137 50.45 -18.15 -31.22
C HIS D 137 49.09 -17.55 -31.60
N THR D 138 48.79 -16.37 -31.07
CA THR D 138 47.47 -15.77 -31.26
C THR D 138 47.53 -14.41 -31.94
N GLN D 139 48.74 -13.87 -32.08
CA GLN D 139 48.95 -12.49 -32.53
C GLN D 139 48.11 -11.51 -31.69
N LYS D 140 47.81 -11.96 -30.48
CA LYS D 140 47.12 -11.17 -29.48
C LYS D 140 47.98 -11.12 -28.21
N ALA D 141 47.84 -10.04 -27.45
CA ALA D 141 48.59 -9.86 -26.21
C ALA D 141 47.65 -9.47 -25.07
N THR D 142 47.66 -10.26 -24.00
CA THR D 142 46.82 -9.96 -22.84
C THR D 142 47.64 -9.43 -21.67
N LEU D 143 47.14 -8.38 -21.03
CA LEU D 143 47.75 -7.81 -19.83
C LEU D 143 46.85 -8.06 -18.63
N VAL D 144 47.44 -8.58 -17.57
CA VAL D 144 46.70 -8.87 -16.36
C VAL D 144 47.03 -7.84 -15.29
N CYS D 145 45.99 -7.29 -14.68
CA CYS D 145 46.18 -6.42 -13.54
C CYS D 145 45.67 -7.08 -12.28
N LEU D 146 46.41 -6.87 -11.19
CA LEU D 146 46.07 -7.48 -9.93
C LEU D 146 46.06 -6.45 -8.80
N ALA D 147 44.88 -6.26 -8.20
CA ALA D 147 44.75 -5.48 -6.97
C ALA D 147 44.63 -6.46 -5.82
N THR D 148 45.57 -6.40 -4.88
CA THR D 148 45.61 -7.37 -3.77
C THR D 148 45.71 -6.73 -2.38
N GLY D 149 45.22 -7.46 -1.39
CA GLY D 149 45.32 -7.08 0.02
C GLY D 149 44.56 -5.83 0.42
N PHE D 150 43.36 -5.65 -0.13
CA PHE D 150 42.52 -4.49 0.19
C PHE D 150 41.28 -4.85 0.99
N TYR D 151 40.84 -3.91 1.82
CA TYR D 151 39.68 -4.07 2.70
C TYR D 151 39.12 -2.72 3.10
N PRO D 152 37.78 -2.53 3.03
CA PRO D 152 36.80 -3.50 2.52
C PRO D 152 36.73 -3.47 0.99
N ASP D 153 35.88 -4.31 0.39
CA ASP D 153 35.80 -4.38 -1.08
C ASP D 153 35.06 -3.18 -1.67
N HIS D 154 35.81 -2.08 -1.82
CA HIS D 154 35.29 -0.84 -2.37
C HIS D 154 36.25 -0.27 -3.40
N VAL D 155 36.39 -0.99 -4.51
CA VAL D 155 37.32 -0.60 -5.56
C VAL D 155 36.69 -0.44 -6.94
N GLU D 156 37.20 0.55 -7.68
CA GLU D 156 36.82 0.79 -9.07
CA GLU D 156 36.82 0.76 -9.07
C GLU D 156 38.07 0.67 -9.94
N LEU D 157 38.09 -0.34 -10.82
CA LEU D 157 39.24 -0.57 -11.68
C LEU D 157 39.04 0.03 -13.06
N SER D 158 40.11 0.54 -13.65
CA SER D 158 40.08 1.04 -15.03
C SER D 158 41.44 0.87 -15.71
N TRP D 159 41.39 0.73 -17.04
CA TRP D 159 42.60 0.62 -17.86
C TRP D 159 42.80 1.88 -18.68
N TRP D 160 44.04 2.36 -18.67
CA TRP D 160 44.37 3.62 -19.31
C TRP D 160 45.50 3.44 -20.32
N VAL D 161 45.14 3.42 -21.61
CA VAL D 161 46.09 3.24 -22.69
C VAL D 161 46.41 4.60 -23.33
N ASN D 162 47.68 4.99 -23.24
CA ASN D 162 48.18 6.24 -23.81
C ASN D 162 47.43 7.52 -23.39
N GLY D 163 47.08 7.61 -22.10
CA GLY D 163 46.44 8.83 -21.57
C GLY D 163 44.93 8.81 -21.51
N LYS D 164 44.31 8.01 -22.38
CA LYS D 164 42.86 7.84 -22.41
C LYS D 164 42.45 6.48 -21.86
N GLU D 165 41.22 6.39 -21.37
CA GLU D 165 40.67 5.18 -20.74
C GLU D 165 39.97 4.29 -21.78
N VAL D 166 40.30 3.00 -21.78
CA VAL D 166 39.70 2.07 -22.74
C VAL D 166 38.59 1.20 -22.12
N HIS D 167 37.78 0.61 -22.99
CA HIS D 167 36.72 -0.32 -22.57
C HIS D 167 36.71 -1.56 -23.45
N SER D 168 37.27 -1.44 -24.65
CA SER D 168 37.38 -2.56 -25.57
C SER D 168 38.53 -3.48 -25.16
N GLY D 169 38.30 -4.79 -25.30
CA GLY D 169 39.27 -5.80 -24.91
C GLY D 169 39.39 -5.97 -23.39
N VAL D 170 38.60 -5.21 -22.66
CA VAL D 170 38.64 -5.21 -21.19
C VAL D 170 37.55 -6.09 -20.60
N CYS D 171 37.89 -6.79 -19.53
CA CYS D 171 36.91 -7.37 -18.64
C CYS D 171 37.52 -7.54 -17.26
N THR D 172 36.75 -7.18 -16.24
CA THR D 172 37.21 -7.18 -14.87
C THR D 172 36.31 -8.10 -14.06
N ASP D 173 36.87 -8.85 -13.11
CA ASP D 173 36.08 -9.74 -12.27
C ASP D 173 34.85 -9.00 -11.72
N PRO D 174 33.67 -9.62 -11.86
CA PRO D 174 32.47 -9.02 -11.28
C PRO D 174 32.58 -8.97 -9.76
N GLN D 175 33.01 -10.09 -9.16
CA GLN D 175 33.16 -10.21 -7.72
C GLN D 175 34.64 -10.43 -7.37
N PRO D 176 35.11 -9.83 -6.26
CA PRO D 176 36.47 -10.09 -5.82
C PRO D 176 36.55 -11.43 -5.08
N LEU D 177 37.74 -11.81 -4.64
CA LEU D 177 37.91 -13.01 -3.83
C LEU D 177 38.59 -12.72 -2.50
N LYS D 178 38.17 -13.44 -1.47
CA LYS D 178 38.82 -13.37 -0.17
C LYS D 178 40.12 -14.13 -0.23
N GLU D 179 41.21 -13.50 0.21
CA GLU D 179 42.52 -14.13 0.28
C GLU D 179 42.56 -15.22 1.35
N GLN D 180 41.69 -15.11 2.36
CA GLN D 180 41.43 -16.19 3.29
C GLN D 180 39.92 -16.35 3.48
N PRO D 181 39.32 -17.34 2.80
CA PRO D 181 37.87 -17.60 2.84
C PRO D 181 37.31 -17.86 4.24
N ALA D 182 38.12 -18.47 5.10
CA ALA D 182 37.68 -18.82 6.46
C ALA D 182 37.84 -17.67 7.47
N LEU D 183 37.67 -16.44 7.00
CA LEU D 183 37.78 -15.24 7.84
C LEU D 183 36.79 -14.14 7.43
N ASN D 184 36.18 -13.50 8.42
CA ASN D 184 35.24 -12.40 8.18
C ASN D 184 35.95 -11.08 7.89
N ASP D 185 37.11 -10.89 8.52
CA ASP D 185 37.91 -9.69 8.33
C ASP D 185 38.92 -9.87 7.18
N SER D 186 38.63 -10.82 6.30
CA SER D 186 39.53 -11.17 5.20
C SER D 186 39.73 -10.03 4.22
N ARG D 187 40.98 -9.85 3.79
CA ARG D 187 41.31 -8.89 2.74
C ARG D 187 40.92 -9.46 1.40
N TYR D 188 40.78 -8.60 0.40
CA TYR D 188 40.28 -9.01 -0.92
C TYR D 188 41.33 -8.91 -2.02
N ALA D 189 41.09 -9.62 -3.11
CA ALA D 189 41.88 -9.52 -4.32
C ALA D 189 40.97 -9.45 -5.54
N LEU D 190 41.35 -8.64 -6.53
CA LEU D 190 40.59 -8.50 -7.76
C LEU D 190 41.52 -8.50 -8.96
N SER D 191 41.14 -9.21 -10.02
CA SER D 191 41.93 -9.28 -11.23
C SER D 191 41.18 -8.69 -12.42
N SER D 192 41.94 -8.29 -13.43
CA SER D 192 41.38 -7.68 -14.63
C SER D 192 42.28 -7.96 -15.83
N ARG D 193 41.67 -7.98 -17.01
CA ARG D 193 42.37 -8.26 -18.25
C ARG D 193 42.17 -7.16 -19.29
N LEU D 194 43.23 -6.85 -20.03
CA LEU D 194 43.16 -6.00 -21.21
C LEU D 194 43.88 -6.70 -22.34
N ARG D 195 43.16 -6.98 -23.43
CA ARG D 195 43.75 -7.72 -24.54
C ARG D 195 43.82 -6.88 -25.80
N VAL D 196 45.03 -6.66 -26.28
CA VAL D 196 45.30 -5.87 -27.47
C VAL D 196 46.00 -6.73 -28.50
N SER D 197 46.13 -6.22 -29.72
CA SER D 197 46.82 -6.94 -30.79
C SER D 197 48.33 -6.92 -30.57
N ALA D 198 49.01 -7.98 -31.02
CA ALA D 198 50.47 -8.10 -30.90
C ALA D 198 51.21 -6.88 -31.43
N THR D 199 50.82 -6.41 -32.62
CA THR D 199 51.44 -5.23 -33.22
C THR D 199 51.29 -3.99 -32.34
N PHE D 200 50.14 -3.86 -31.67
CA PHE D 200 49.90 -2.75 -30.76
C PHE D 200 50.84 -2.79 -29.56
N TRP D 201 50.94 -3.97 -28.95
CA TRP D 201 51.84 -4.19 -27.82
C TRP D 201 53.31 -4.00 -28.17
N GLN D 202 53.70 -4.39 -29.39
CA GLN D 202 55.11 -4.33 -29.81
C GLN D 202 55.63 -2.90 -30.06
N ASN D 203 54.72 -1.94 -30.05
CA ASN D 203 55.04 -0.54 -30.20
C ASN D 203 55.59 0.03 -28.89
N PRO D 204 56.85 0.51 -28.89
CA PRO D 204 57.47 1.05 -27.67
C PRO D 204 56.81 2.35 -27.18
N ARG D 205 56.10 3.03 -28.06
CA ARG D 205 55.47 4.31 -27.74
C ARG D 205 54.10 4.14 -27.07
N ASN D 206 53.68 2.89 -26.87
CA ASN D 206 52.39 2.57 -26.28
C ASN D 206 52.44 2.35 -24.76
N HIS D 207 51.74 3.20 -24.04
CA HIS D 207 51.76 3.21 -22.57
C HIS D 207 50.50 2.57 -21.99
N PHE D 208 50.69 1.70 -21.00
CA PHE D 208 49.57 0.95 -20.42
C PHE D 208 49.54 1.15 -18.91
N ARG D 209 48.40 1.59 -18.40
CA ARG D 209 48.25 1.79 -16.96
C ARG D 209 46.97 1.18 -16.41
N CYS D 210 47.10 0.52 -15.26
CA CYS D 210 45.99 -0.03 -14.52
C CYS D 210 45.71 0.88 -13.34
N GLN D 211 44.46 1.33 -13.21
CA GLN D 211 44.09 2.26 -12.14
C GLN D 211 43.01 1.66 -11.23
N VAL D 212 43.31 1.63 -9.93
CA VAL D 212 42.38 1.15 -8.92
C VAL D 212 42.02 2.29 -7.96
N GLN D 213 40.77 2.75 -8.06
CA GLN D 213 40.22 3.74 -7.15
C GLN D 213 39.73 3.03 -5.90
N PHE D 214 40.39 3.29 -4.79
CA PHE D 214 40.03 2.70 -3.51
C PHE D 214 39.28 3.69 -2.64
N TYR D 215 38.21 3.22 -2.00
CA TYR D 215 37.45 4.05 -1.07
C TYR D 215 37.70 3.54 0.34
N GLY D 216 38.28 4.40 1.16
CA GLY D 216 38.63 4.06 2.53
C GLY D 216 38.27 5.16 3.51
N LEU D 217 39.24 5.53 4.35
CA LEU D 217 39.05 6.55 5.37
C LEU D 217 39.02 7.95 4.78
N SER D 218 38.30 8.84 5.45
CA SER D 218 38.14 10.22 5.01
C SER D 218 39.08 11.14 5.78
N GLU D 219 39.17 12.40 5.34
CA GLU D 219 40.02 13.40 5.96
C GLU D 219 39.60 13.75 7.40
N ASN D 220 38.48 13.19 7.84
CA ASN D 220 37.96 13.41 9.19
C ASN D 220 38.28 12.26 10.16
N ASP D 221 38.22 11.03 9.65
CA ASP D 221 38.43 9.81 10.46
C ASP D 221 39.77 9.80 11.18
N GLU D 222 39.73 9.63 12.50
CA GLU D 222 40.93 9.61 13.35
C GLU D 222 41.77 8.36 13.11
N TRP D 223 43.08 8.50 13.25
CA TRP D 223 44.01 7.41 12.99
C TRP D 223 45.26 7.48 13.88
N THR D 224 45.55 6.37 14.56
CA THR D 224 46.67 6.30 15.49
C THR D 224 47.74 5.25 15.12
N GLN D 225 47.29 4.13 14.55
CA GLN D 225 48.17 3.01 14.16
C GLN D 225 49.41 3.50 13.40
N ASP D 226 50.57 3.00 13.81
CA ASP D 226 51.87 3.52 13.38
C ASP D 226 52.16 3.50 11.87
N ARG D 227 51.51 2.58 11.15
CA ARG D 227 51.67 2.49 9.70
C ARG D 227 50.94 3.64 8.98
N ALA D 228 51.02 3.65 7.64
CA ALA D 228 50.38 4.70 6.82
C ALA D 228 48.86 4.65 6.94
N LYS D 229 48.24 5.84 6.92
CA LYS D 229 46.79 5.97 6.96
C LYS D 229 46.17 5.44 5.66
N PRO D 230 45.11 4.60 5.78
CA PRO D 230 44.45 4.03 4.60
C PRO D 230 43.28 4.88 4.09
N VAL D 231 43.58 6.08 3.62
CA VAL D 231 42.55 6.98 3.07
C VAL D 231 42.12 6.60 1.66
N THR D 232 41.03 7.23 1.20
CA THR D 232 40.58 7.11 -0.19
C THR D 232 41.69 7.61 -1.11
N GLN D 233 42.06 6.77 -2.08
CA GLN D 233 43.21 7.03 -2.94
C GLN D 233 43.15 6.25 -4.25
N ILE D 234 44.07 6.59 -5.16
CA ILE D 234 44.26 5.86 -6.40
C ILE D 234 45.63 5.21 -6.37
N VAL D 235 45.67 3.92 -6.63
CA VAL D 235 46.92 3.18 -6.73
C VAL D 235 47.03 2.63 -8.14
N SER D 236 48.19 2.86 -8.77
CA SER D 236 48.39 2.50 -10.18
C SER D 236 49.69 1.75 -10.45
N ALA D 237 49.59 0.73 -11.31
CA ALA D 237 50.77 0.08 -11.89
C ALA D 237 50.75 0.25 -13.41
N GLU D 238 51.93 0.18 -14.02
CA GLU D 238 52.06 0.49 -15.45
C GLU D 238 53.13 -0.32 -16.19
N ALA D 239 52.92 -0.52 -17.49
CA ALA D 239 53.89 -1.15 -18.38
C ALA D 239 53.95 -0.46 -19.73
N TRP D 240 55.11 -0.52 -20.37
CA TRP D 240 55.32 0.00 -21.72
C TRP D 240 55.43 -1.13 -22.73
N GLY D 241 55.15 -0.82 -23.99
CA GLY D 241 55.29 -1.79 -25.08
C GLY D 241 56.74 -2.08 -25.44
N ARG D 242 56.99 -3.28 -25.95
CA ARG D 242 58.35 -3.75 -26.24
C ARG D 242 58.51 -4.23 -27.68
N ALA D 243 59.59 -3.80 -28.33
CA ALA D 243 59.93 -4.25 -29.69
C ALA D 243 60.29 -5.74 -29.74
N ASP D 244 60.90 -6.25 -28.67
CA ASP D 244 61.23 -7.67 -28.57
C ASP D 244 61.12 -8.21 -27.15
#